data_3OX6
#
_entry.id   3OX6
#
_cell.length_a   68.716
_cell.length_b   68.716
_cell.length_c   344.195
_cell.angle_alpha   90.00
_cell.angle_beta   90.00
_cell.angle_gamma   120.00
#
_symmetry.space_group_name_H-M   'P 31 2 1'
#
loop_
_entity.id
_entity.type
_entity.pdbx_description
1 polymer 'Calcium-binding protein 1'
2 non-polymer 'CALCIUM ION'
3 non-polymer HEXANE-1,6-DIOL
4 water water
#
_entity_poly.entity_id   1
_entity_poly.type   'polypeptide(L)'
_entity_poly.pdbx_seq_one_letter_code
;MDRSLRPEEIEELREAFREFDKDKDGYINCRDLGNCMRTMGYMPTEMELIELSQQINMNLGGHVDFDDFVELMGPKLLAE
TADMIGVKELRDAFREFDTNGDGEISTSELREAMRALLGHQVGHRDIEEIIRDVDLNGDGRVDFEEFVRMMSR
;
_entity_poly.pdbx_strand_id   A,B,C,D,E,F
#
loop_
_chem_comp.id
_chem_comp.type
_chem_comp.name
_chem_comp.formula
CA non-polymer 'CALCIUM ION' 'Ca 2'
HEZ non-polymer HEXANE-1,6-DIOL 'C6 H14 O2'
#
# COMPACT_ATOMS: atom_id res chain seq x y z
N MET A 1 -13.32 -24.34 11.12
CA MET A 1 -12.41 -23.18 11.32
C MET A 1 -10.97 -23.62 11.51
N ASP A 2 -10.05 -22.74 11.16
CA ASP A 2 -8.64 -23.02 11.28
C ASP A 2 -8.19 -23.34 12.71
N ARG A 3 -8.79 -22.68 13.70
CA ARG A 3 -8.52 -22.99 15.12
C ARG A 3 -9.72 -22.57 15.93
N SER A 4 -9.75 -22.94 17.20
CA SER A 4 -10.81 -22.43 18.06
C SER A 4 -10.74 -20.96 18.29
N LEU A 5 -11.90 -20.40 18.61
CA LEU A 5 -12.02 -19.00 18.93
C LEU A 5 -11.69 -18.78 20.38
N ARG A 6 -10.92 -17.74 20.65
CA ARG A 6 -10.55 -17.34 22.00
C ARG A 6 -11.61 -16.41 22.57
N PRO A 7 -11.70 -16.30 23.91
CA PRO A 7 -12.80 -15.56 24.52
C PRO A 7 -12.91 -14.13 24.03
N GLU A 8 -11.79 -13.46 23.80
CA GLU A 8 -11.85 -12.08 23.38
C GLU A 8 -12.45 -12.03 21.98
N GLU A 9 -12.26 -13.11 21.21
CA GLU A 9 -12.78 -13.12 19.83
C GLU A 9 -14.28 -13.43 19.84
N ILE A 10 -14.75 -14.21 20.78
CA ILE A 10 -16.18 -14.44 20.92
C ILE A 10 -16.84 -13.14 21.35
N GLU A 11 -16.17 -12.39 22.22
CA GLU A 11 -16.68 -11.11 22.64
C GLU A 11 -16.91 -10.10 21.48
N GLU A 12 -15.97 -9.99 20.55
CA GLU A 12 -16.20 -9.07 19.42
C GLU A 12 -17.17 -9.60 18.38
N LEU A 13 -17.22 -10.92 18.21
CA LEU A 13 -18.35 -11.52 17.50
C LEU A 13 -19.68 -11.17 18.20
N ARG A 14 -19.76 -11.31 19.53
CA ARG A 14 -20.95 -10.87 20.28
C ARG A 14 -21.36 -9.47 19.87
N GLU A 15 -20.41 -8.53 19.89
CA GLU A 15 -20.69 -7.12 19.66
C GLU A 15 -21.21 -6.96 18.27
N ALA A 16 -20.62 -7.69 17.35
CA ALA A 16 -20.97 -7.56 15.94
C ALA A 16 -22.40 -8.06 15.74
N PHE A 17 -22.69 -9.21 16.35
CA PHE A 17 -24.00 -9.82 16.29
C PHE A 17 -25.08 -8.93 16.88
N ARG A 18 -24.78 -8.25 17.99
CA ARG A 18 -25.75 -7.36 18.65
C ARG A 18 -26.07 -6.26 17.68
N GLU A 19 -25.09 -5.83 16.92
CA GLU A 19 -25.31 -4.79 15.96
C GLU A 19 -26.12 -5.34 14.81
N PHE A 20 -25.79 -6.55 14.41
CA PHE A 20 -26.37 -7.18 13.26
C PHE A 20 -27.86 -7.42 13.54
N ASP A 21 -28.12 -7.95 14.72
CA ASP A 21 -29.43 -8.33 15.13
C ASP A 21 -30.35 -7.11 15.26
N LYS A 22 -29.84 -6.04 15.88
CA LYS A 22 -30.60 -4.78 15.98
C LYS A 22 -30.91 -4.17 14.61
N ASP A 23 -29.99 -4.31 13.66
CA ASP A 23 -30.17 -3.76 12.30
C ASP A 23 -31.27 -4.47 11.53
N LYS A 24 -31.34 -5.79 11.72
CA LYS A 24 -32.01 -6.68 10.81
C LYS A 24 -33.51 -6.71 11.03
N ASP A 25 -34.25 -6.48 9.94
CA ASP A 25 -35.70 -6.58 9.92
C ASP A 25 -36.09 -7.35 8.67
N GLY A 26 -36.15 -8.69 8.79
CA GLY A 26 -36.39 -9.58 7.64
C GLY A 26 -35.12 -9.85 6.83
N TYR A 27 -34.59 -8.81 6.20
CA TYR A 27 -33.36 -8.91 5.43
C TYR A 27 -32.33 -8.00 6.05
N ILE A 28 -31.06 -8.37 5.93
CA ILE A 28 -29.96 -7.47 6.20
C ILE A 28 -29.49 -6.83 4.86
N ASN A 29 -29.32 -5.51 4.85
CA ASN A 29 -28.72 -4.82 3.70
C ASN A 29 -27.18 -4.89 3.73
N CYS A 30 -26.53 -4.70 2.59
CA CYS A 30 -25.06 -4.86 2.44
C CYS A 30 -24.26 -3.75 3.14
N ARG A 31 -24.81 -2.54 3.19
CA ARG A 31 -24.30 -1.46 4.05
C ARG A 31 -24.22 -1.88 5.52
N ASP A 32 -25.35 -2.35 6.06
CA ASP A 32 -25.39 -2.77 7.44
C ASP A 32 -24.49 -3.96 7.65
N LEU A 33 -24.53 -4.94 6.74
CA LEU A 33 -23.68 -6.12 6.89
C LEU A 33 -22.20 -5.77 6.99
N GLY A 34 -21.74 -4.92 6.09
CA GLY A 34 -20.34 -4.56 6.00
C GLY A 34 -19.96 -3.97 7.33
N ASN A 35 -20.80 -3.07 7.83
CA ASN A 35 -20.48 -2.41 9.11
C ASN A 35 -20.40 -3.30 10.32
N CYS A 36 -21.25 -4.32 10.37
CA CYS A 36 -21.23 -5.25 11.47
C CYS A 36 -19.97 -6.12 11.39
N MET A 37 -19.52 -6.47 10.17
CA MET A 37 -18.25 -7.19 10.01
C MET A 37 -17.02 -6.36 10.39
N ARG A 38 -17.08 -5.03 10.17
CA ARG A 38 -15.98 -4.16 10.51
C ARG A 38 -15.86 -4.01 12.00
N THR A 39 -17.01 -4.15 12.67
CA THR A 39 -17.06 -4.09 14.12
C THR A 39 -16.23 -5.21 14.77
N MET A 40 -16.09 -6.33 14.08
CA MET A 40 -15.16 -7.36 14.56
C MET A 40 -13.79 -7.35 13.87
N GLY A 41 -13.50 -6.32 13.06
CA GLY A 41 -12.16 -6.18 12.58
C GLY A 41 -11.96 -6.61 11.14
N TYR A 42 -13.05 -6.92 10.46
CA TYR A 42 -12.85 -7.49 9.14
C TYR A 42 -13.23 -6.53 8.01
N MET A 43 -12.37 -6.36 7.02
CA MET A 43 -12.73 -5.56 5.83
CA MET A 43 -12.76 -5.57 5.85
C MET A 43 -13.12 -6.49 4.68
N PRO A 44 -14.43 -6.55 4.37
CA PRO A 44 -14.92 -7.49 3.33
C PRO A 44 -14.89 -6.91 1.92
N THR A 45 -14.72 -7.77 0.93
CA THR A 45 -14.97 -7.33 -0.45
C THR A 45 -16.48 -7.19 -0.70
N GLU A 46 -16.82 -6.53 -1.80
CA GLU A 46 -18.22 -6.40 -2.16
C GLU A 46 -18.78 -7.76 -2.50
N MET A 47 -17.95 -8.62 -3.10
CA MET A 47 -18.34 -9.95 -3.52
C MET A 47 -18.69 -10.83 -2.33
N GLU A 48 -17.84 -10.78 -1.31
CA GLU A 48 -18.14 -11.39 -0.02
C GLU A 48 -19.47 -10.92 0.57
N LEU A 49 -19.74 -9.63 0.50
CA LEU A 49 -21.02 -9.08 0.97
C LEU A 49 -22.20 -9.65 0.20
N ILE A 50 -22.12 -9.60 -1.14
CA ILE A 50 -23.15 -10.15 -1.99
C ILE A 50 -23.41 -11.60 -1.61
N GLU A 51 -22.33 -12.36 -1.41
CA GLU A 51 -22.43 -13.77 -1.06
C GLU A 51 -23.08 -14.02 0.31
N LEU A 52 -22.54 -13.39 1.35
CA LEU A 52 -23.08 -13.56 2.69
C LEU A 52 -24.52 -13.07 2.86
N SER A 53 -24.88 -11.95 2.22
CA SER A 53 -26.29 -11.47 2.28
C SER A 53 -27.21 -12.47 1.62
N GLN A 54 -26.79 -13.00 0.48
CA GLN A 54 -27.47 -14.10 -0.17
C GLN A 54 -27.79 -15.24 0.82
N GLN A 55 -26.78 -15.69 1.55
CA GLN A 55 -26.91 -16.76 2.54
C GLN A 55 -27.83 -16.42 3.69
N ILE A 56 -27.75 -15.18 4.17
CA ILE A 56 -28.58 -14.73 5.27
C ILE A 56 -30.00 -14.60 4.73
N ASN A 57 -30.14 -13.76 3.72
CA ASN A 57 -31.43 -13.36 3.19
C ASN A 57 -32.14 -14.39 2.29
N MET A 58 -31.39 -15.33 1.73
CA MET A 58 -31.99 -16.29 0.81
C MET A 58 -31.91 -17.73 1.31
N ASN A 59 -30.73 -18.17 1.73
CA ASN A 59 -30.56 -19.52 2.26
C ASN A 59 -31.10 -19.71 3.67
N LEU A 60 -30.81 -18.77 4.57
CA LEU A 60 -31.28 -18.86 5.95
C LEU A 60 -32.54 -18.05 6.15
N GLY A 61 -33.14 -17.57 5.06
CA GLY A 61 -34.37 -16.77 5.13
C GLY A 61 -34.34 -15.62 6.11
N GLY A 62 -33.15 -15.06 6.37
CA GLY A 62 -33.00 -13.98 7.35
C GLY A 62 -32.99 -14.46 8.80
N HIS A 63 -32.92 -15.77 9.00
CA HIS A 63 -33.01 -16.42 10.33
C HIS A 63 -31.63 -16.85 10.83
N VAL A 64 -31.07 -16.06 11.75
CA VAL A 64 -29.65 -16.14 12.12
C VAL A 64 -29.46 -15.97 13.62
N ASP A 65 -29.02 -17.02 14.31
CA ASP A 65 -28.84 -16.87 15.75
C ASP A 65 -27.36 -16.67 16.01
N PHE A 66 -26.95 -16.56 17.26
CA PHE A 66 -25.57 -16.24 17.55
C PHE A 66 -24.67 -17.28 16.96
N ASP A 67 -25.17 -18.50 16.98
CA ASP A 67 -24.39 -19.62 16.60
C ASP A 67 -24.15 -19.67 15.09
N ASP A 68 -25.20 -19.38 14.32
CA ASP A 68 -25.06 -19.21 12.86
C ASP A 68 -24.05 -18.10 12.56
N PHE A 69 -24.09 -17.05 13.37
CA PHE A 69 -23.31 -15.87 13.10
C PHE A 69 -21.84 -16.23 13.30
N VAL A 70 -21.56 -16.99 14.34
CA VAL A 70 -20.21 -17.48 14.61
C VAL A 70 -19.69 -18.37 13.46
N GLU A 71 -20.48 -19.34 13.02
CA GLU A 71 -20.09 -20.16 11.89
C GLU A 71 -19.79 -19.37 10.63
N LEU A 72 -20.57 -18.29 10.42
CA LEU A 72 -20.45 -17.47 9.23
C LEU A 72 -19.31 -16.49 9.33
N MET A 73 -19.16 -15.85 10.49
CA MET A 73 -18.18 -14.82 10.69
C MET A 73 -16.87 -15.26 11.37
N GLY A 74 -16.90 -16.36 12.11
CA GLY A 74 -15.70 -16.91 12.74
C GLY A 74 -14.56 -17.04 11.74
N PRO A 75 -14.82 -17.69 10.58
CA PRO A 75 -13.75 -17.88 9.58
C PRO A 75 -13.19 -16.55 9.08
N LYS A 76 -14.01 -15.51 9.06
CA LYS A 76 -13.50 -14.20 8.64
C LYS A 76 -12.66 -13.57 9.72
N LEU A 77 -13.19 -13.54 10.94
CA LEU A 77 -12.40 -13.06 12.06
C LEU A 77 -10.98 -13.70 12.01
N LEU A 78 -10.95 -15.01 11.81
CA LEU A 78 -9.68 -15.72 11.85
C LEU A 78 -8.71 -15.41 10.66
N ALA A 79 -9.23 -14.78 9.61
CA ALA A 79 -8.48 -14.56 8.42
C ALA A 79 -8.12 -13.08 8.42
N GLU A 80 -8.28 -12.41 9.55
CA GLU A 80 -7.93 -11.04 9.55
C GLU A 80 -6.42 -10.93 9.45
N THR A 81 -5.94 -10.00 8.65
CA THR A 81 -4.49 -9.86 8.40
C THR A 81 -3.99 -8.73 9.28
N ALA A 82 -2.66 -8.61 9.40
CA ALA A 82 -1.96 -7.47 10.01
C ALA A 82 -2.48 -6.10 9.60
N ASP A 83 -2.84 -5.95 8.33
CA ASP A 83 -3.42 -4.69 7.83
C ASP A 83 -4.83 -4.32 8.32
N MET A 84 -5.62 -5.28 8.81
CA MET A 84 -6.95 -5.01 9.37
C MET A 84 -6.89 -4.83 10.84
N ILE A 85 -5.81 -5.34 11.42
CA ILE A 85 -5.79 -5.52 12.86
C ILE A 85 -5.29 -4.25 13.46
N GLY A 86 -4.33 -3.64 12.77
CA GLY A 86 -3.78 -2.46 13.34
C GLY A 86 -2.69 -2.73 14.34
N VAL A 87 -1.88 -1.71 14.58
CA VAL A 87 -0.63 -1.86 15.27
C VAL A 87 -0.81 -2.10 16.73
N LYS A 88 -1.79 -1.45 17.35
CA LYS A 88 -1.96 -1.58 18.77
C LYS A 88 -2.32 -3.02 19.17
N GLU A 89 -3.21 -3.62 18.41
CA GLU A 89 -3.66 -4.96 18.66
C GLU A 89 -2.56 -5.96 18.27
N LEU A 90 -1.84 -5.67 17.18
CA LEU A 90 -0.67 -6.53 16.85
C LEU A 90 0.37 -6.58 18.01
N ARG A 91 0.70 -5.41 18.54
CA ARG A 91 1.64 -5.25 19.63
C ARG A 91 1.12 -5.94 20.90
N ASP A 92 -0.17 -5.81 21.16
CA ASP A 92 -0.79 -6.50 22.27
C ASP A 92 -0.68 -8.01 22.14
N ALA A 93 -0.93 -8.56 20.95
CA ALA A 93 -0.78 -9.99 20.74
C ALA A 93 0.67 -10.42 20.96
N PHE A 94 1.61 -9.59 20.45
CA PHE A 94 3.01 -9.93 20.52
C PHE A 94 3.39 -10.01 21.98
N ARG A 95 2.93 -9.02 22.73
CA ARG A 95 3.24 -8.91 24.15
C ARG A 95 2.72 -10.15 24.94
N GLU A 96 1.66 -10.80 24.47
CA GLU A 96 1.22 -12.03 25.11
C GLU A 96 2.04 -13.24 24.74
N PHE A 97 2.58 -13.26 23.53
CA PHE A 97 3.56 -14.25 23.16
C PHE A 97 4.84 -14.01 23.98
N ASP A 98 5.30 -12.77 24.02
CA ASP A 98 6.59 -12.39 24.65
C ASP A 98 6.42 -12.20 26.13
N THR A 99 6.31 -13.30 26.85
CA THR A 99 5.94 -13.23 28.25
C THR A 99 7.04 -12.70 29.16
N ASN A 100 8.32 -12.74 28.74
CA ASN A 100 9.33 -12.19 29.63
C ASN A 100 9.56 -10.77 29.25
N GLY A 101 8.66 -10.21 28.47
CA GLY A 101 8.80 -8.84 27.99
C GLY A 101 10.14 -8.34 27.40
N ASP A 102 11.03 -9.23 26.96
CA ASP A 102 12.35 -8.75 26.52
C ASP A 102 12.32 -8.11 25.13
N GLY A 103 11.23 -8.33 24.40
CA GLY A 103 11.01 -7.72 23.10
C GLY A 103 11.28 -8.71 22.00
N GLU A 104 11.59 -9.96 22.35
CA GLU A 104 11.63 -11.04 21.33
C GLU A 104 10.91 -12.30 21.84
N ILE A 105 10.45 -13.13 20.93
CA ILE A 105 9.79 -14.36 21.26
C ILE A 105 10.72 -15.54 21.03
N SER A 106 10.98 -16.26 22.11
CA SER A 106 11.88 -17.38 22.12
C SER A 106 11.13 -18.64 21.74
N THR A 107 11.86 -19.73 21.56
CA THR A 107 11.19 -20.96 21.19
C THR A 107 10.18 -21.40 22.28
N SER A 108 10.58 -21.40 23.56
CA SER A 108 9.65 -21.73 24.69
C SER A 108 8.42 -20.82 24.75
N GLU A 109 8.64 -19.53 24.57
CA GLU A 109 7.53 -18.61 24.46
C GLU A 109 6.60 -18.94 23.30
N LEU A 110 7.20 -19.27 22.17
CA LEU A 110 6.43 -19.67 21.02
C LEU A 110 5.69 -20.94 21.32
N ARG A 111 6.39 -21.93 21.90
CA ARG A 111 5.77 -23.25 22.15
C ARG A 111 4.52 -23.11 23.03
N GLU A 112 4.67 -22.30 24.05
CA GLU A 112 3.64 -22.02 24.98
C GLU A 112 2.46 -21.28 24.35
N ALA A 113 2.73 -20.36 23.44
CA ALA A 113 1.66 -19.55 22.81
C ALA A 113 0.87 -20.41 21.79
N MET A 114 1.60 -21.22 21.04
CA MET A 114 0.98 -22.14 20.08
C MET A 114 0.07 -23.12 20.80
N ARG A 115 0.53 -23.59 21.96
CA ARG A 115 -0.27 -24.51 22.77
C ARG A 115 -1.57 -23.81 23.16
N ALA A 116 -1.48 -22.56 23.58
CA ALA A 116 -2.65 -21.81 23.99
C ALA A 116 -3.63 -21.60 22.82
N LEU A 117 -3.13 -21.47 21.60
CA LEU A 117 -3.95 -21.12 20.46
C LEU A 117 -4.59 -22.35 19.87
N LEU A 118 -3.86 -23.45 19.89
CA LEU A 118 -4.27 -24.66 19.22
C LEU A 118 -4.90 -25.66 20.17
N GLY A 119 -4.81 -25.39 21.47
CA GLY A 119 -5.43 -26.23 22.47
C GLY A 119 -4.77 -27.60 22.61
N HIS A 120 -3.68 -27.83 21.89
CA HIS A 120 -2.84 -29.01 22.14
C HIS A 120 -1.37 -28.59 22.10
N GLN A 121 -0.51 -29.43 22.68
CA GLN A 121 0.92 -29.16 22.69
C GLN A 121 1.52 -29.43 21.32
N VAL A 122 2.55 -28.68 21.00
CA VAL A 122 3.18 -28.68 19.68
C VAL A 122 4.56 -29.29 19.83
N GLY A 123 4.92 -30.17 18.89
CA GLY A 123 6.21 -30.86 18.92
C GLY A 123 7.38 -29.90 18.95
N HIS A 124 8.50 -30.35 19.51
CA HIS A 124 9.72 -29.53 19.56
C HIS A 124 10.33 -29.32 18.18
N ARG A 125 10.18 -30.31 17.31
CA ARG A 125 10.68 -30.24 15.95
C ARG A 125 9.86 -29.24 15.17
N ASP A 126 8.54 -29.24 15.40
CA ASP A 126 7.63 -28.30 14.77
C ASP A 126 8.02 -26.87 15.13
N ILE A 127 8.28 -26.62 16.40
CA ILE A 127 8.58 -25.26 16.86
C ILE A 127 9.88 -24.76 16.26
N GLU A 128 10.95 -25.51 16.48
CA GLU A 128 12.25 -25.16 15.95
C GLU A 128 12.18 -25.05 14.44
N GLU A 129 11.18 -25.68 13.84
CA GLU A 129 10.87 -25.46 12.42
C GLU A 129 10.25 -24.09 12.21
N ILE A 130 9.08 -23.85 12.80
CA ILE A 130 8.36 -22.60 12.70
C ILE A 130 9.34 -21.45 12.82
N ILE A 131 10.18 -21.52 13.83
CA ILE A 131 11.22 -20.52 14.08
C ILE A 131 12.07 -20.29 12.84
N ARG A 132 12.45 -21.38 12.18
CA ARG A 132 13.23 -21.30 10.94
C ARG A 132 12.51 -20.56 9.82
N ASP A 133 11.20 -20.77 9.70
CA ASP A 133 10.42 -20.16 8.62
C ASP A 133 10.13 -18.68 8.85
N VAL A 134 10.24 -18.28 10.10
CA VAL A 134 9.70 -17.03 10.58
C VAL A 134 10.81 -16.04 10.89
N ASP A 135 11.94 -16.59 11.35
CA ASP A 135 13.07 -15.78 11.77
C ASP A 135 13.83 -15.31 10.57
N LEU A 136 13.86 -14.01 10.39
CA LEU A 136 14.40 -13.38 9.20
C LEU A 136 15.81 -12.82 9.41
N ASN A 137 16.25 -12.69 10.66
CA ASN A 137 17.62 -12.26 10.94
C ASN A 137 18.52 -13.32 11.63
N GLY A 138 18.08 -14.58 11.58
CA GLY A 138 18.87 -15.70 12.09
C GLY A 138 19.28 -15.69 13.55
N ASP A 139 18.72 -14.78 14.33
CA ASP A 139 19.09 -14.69 15.74
C ASP A 139 18.36 -15.73 16.60
N GLY A 140 17.62 -16.63 15.93
CA GLY A 140 16.87 -17.69 16.62
C GLY A 140 15.73 -17.20 17.51
N ARG A 141 15.48 -15.89 17.47
CA ARG A 141 14.36 -15.30 18.18
C ARG A 141 13.50 -14.54 17.16
N VAL A 142 12.23 -14.30 17.53
CA VAL A 142 11.28 -13.66 16.64
C VAL A 142 11.03 -12.26 17.12
N ASP A 143 11.32 -11.26 16.29
CA ASP A 143 10.94 -9.88 16.71
C ASP A 143 9.55 -9.44 16.24
N PHE A 144 9.15 -8.22 16.62
CA PHE A 144 7.83 -7.71 16.28
C PHE A 144 7.60 -7.86 14.76
N GLU A 145 8.52 -7.33 14.00
CA GLU A 145 8.41 -7.35 12.55
C GLU A 145 8.25 -8.77 12.02
N GLU A 146 8.94 -9.74 12.61
CA GLU A 146 8.79 -11.13 12.13
C GLU A 146 7.49 -11.78 12.54
N PHE A 147 6.96 -11.31 13.65
CA PHE A 147 5.69 -11.74 14.15
C PHE A 147 4.58 -11.21 13.22
N VAL A 148 4.65 -9.93 12.93
CA VAL A 148 3.70 -9.29 12.06
C VAL A 148 3.78 -9.99 10.69
N ARG A 149 4.99 -10.33 10.18
CA ARG A 149 5.07 -11.00 8.88
C ARG A 149 4.49 -12.40 8.98
N MET A 150 4.57 -13.03 10.14
CA MET A 150 3.95 -14.32 10.37
C MET A 150 2.42 -14.28 10.08
N MET A 151 1.74 -13.12 10.26
CA MET A 151 0.31 -12.97 9.82
C MET A 151 0.07 -12.02 8.67
N SER A 152 1.02 -11.93 7.76
CA SER A 152 0.87 -11.13 6.56
C SER A 152 0.97 -12.05 5.36
N ARG A 153 0.33 -11.66 4.26
CA ARG A 153 0.38 -12.50 3.06
C ARG A 153 1.61 -12.16 2.20
N MET B 1 0.47 21.32 18.57
CA MET B 1 -0.32 20.13 18.14
C MET B 1 -1.47 20.55 17.26
N ASP B 2 -1.70 19.70 16.27
CA ASP B 2 -2.82 19.78 15.35
C ASP B 2 -4.15 20.22 15.99
N ARG B 3 -4.52 19.63 17.12
CA ARG B 3 -5.73 20.00 17.90
C ARG B 3 -5.45 19.50 19.29
N SER B 4 -6.31 19.87 20.22
CA SER B 4 -6.36 19.24 21.55
C SER B 4 -6.50 17.72 21.51
N LEU B 5 -5.89 17.07 22.49
CA LEU B 5 -6.11 15.65 22.69
C LEU B 5 -7.42 15.46 23.44
N ARG B 6 -8.20 14.48 23.01
CA ARG B 6 -9.39 14.08 23.76
C ARG B 6 -9.07 13.15 24.97
N PRO B 7 -10.06 12.95 25.89
CA PRO B 7 -9.75 12.14 27.07
C PRO B 7 -9.37 10.70 26.76
N GLU B 8 -9.94 10.10 25.71
CA GLU B 8 -9.52 8.76 25.27
C GLU B 8 -8.08 8.72 24.77
N GLU B 9 -7.64 9.83 24.19
CA GLU B 9 -6.29 9.84 23.62
C GLU B 9 -5.30 10.05 24.75
N ILE B 10 -5.67 10.86 25.73
CA ILE B 10 -4.86 11.00 26.92
C ILE B 10 -4.68 9.64 27.60
N GLU B 11 -5.78 8.91 27.72
CA GLU B 11 -5.76 7.59 28.31
C GLU B 11 -4.80 6.63 27.60
N GLU B 12 -4.79 6.62 26.28
CA GLU B 12 -3.83 5.74 25.63
C GLU B 12 -2.33 6.13 25.68
N LEU B 13 -2.03 7.45 25.73
CA LEU B 13 -0.75 7.99 26.08
C LEU B 13 -0.34 7.59 27.51
N ARG B 14 -1.29 7.55 28.45
CA ARG B 14 -0.99 7.02 29.76
C ARG B 14 -0.49 5.57 29.75
N GLU B 15 -1.20 4.68 29.06
CA GLU B 15 -0.79 3.29 28.92
C GLU B 15 0.60 3.21 28.32
N ALA B 16 0.82 3.96 27.26
CA ALA B 16 2.15 4.05 26.62
C ALA B 16 3.23 4.63 27.55
N PHE B 17 2.86 5.61 28.36
CA PHE B 17 3.79 6.18 29.31
C PHE B 17 4.19 5.12 30.30
N ARG B 18 3.22 4.27 30.66
CA ARG B 18 3.44 3.26 31.71
C ARG B 18 4.47 2.28 31.23
N GLU B 19 4.25 1.74 30.06
CA GLU B 19 5.21 0.89 29.44
C GLU B 19 6.58 1.58 29.41
N PHE B 20 6.60 2.78 28.85
CA PHE B 20 7.79 3.63 28.78
C PHE B 20 8.50 3.83 30.12
N ASP B 21 7.76 4.18 31.16
CA ASP B 21 8.35 4.46 32.43
C ASP B 21 8.95 3.22 33.09
N LYS B 22 8.37 2.05 32.83
CA LYS B 22 8.84 0.79 33.38
C LYS B 22 10.04 0.32 32.55
N ASP B 23 9.98 0.52 31.24
CA ASP B 23 11.10 0.19 30.32
C ASP B 23 12.37 1.03 30.58
N LYS B 24 12.20 2.31 30.88
CA LYS B 24 13.35 3.18 31.04
C LYS B 24 14.06 2.89 32.37
N ASP B 25 15.22 2.26 32.30
CA ASP B 25 16.04 2.08 33.48
C ASP B 25 17.24 2.97 33.28
N GLY B 26 17.22 4.13 33.92
CA GLY B 26 18.11 5.22 33.54
C GLY B 26 17.74 5.81 32.16
N TYR B 27 17.87 5.01 31.10
CA TYR B 27 17.71 5.46 29.71
C TYR B 27 16.79 4.50 28.93
N ILE B 28 16.29 4.91 27.77
CA ILE B 28 15.39 4.10 26.94
C ILE B 28 16.11 3.67 25.67
N ASN B 29 16.00 2.40 25.27
CA ASN B 29 16.59 2.01 23.99
C ASN B 29 15.55 2.12 22.89
N CYS B 30 16.00 1.97 21.64
CA CYS B 30 15.16 2.13 20.49
C CYS B 30 14.07 1.06 20.38
N ARG B 31 14.38 -0.17 20.74
CA ARG B 31 13.39 -1.24 20.69
C ARG B 31 12.25 -0.91 21.63
N ASP B 32 12.52 -0.72 22.92
CA ASP B 32 11.47 -0.29 23.87
C ASP B 32 10.73 1.03 23.50
N LEU B 33 11.46 2.06 23.10
CA LEU B 33 10.80 3.23 22.59
C LEU B 33 9.84 2.96 21.44
N GLY B 34 10.24 2.12 20.50
CA GLY B 34 9.32 1.76 19.42
C GLY B 34 8.06 1.03 19.88
N ASN B 35 8.25 0.13 20.83
CA ASN B 35 7.14 -0.61 21.39
C ASN B 35 6.13 0.22 22.18
N CYS B 36 6.62 1.21 22.92
CA CYS B 36 5.67 2.01 23.70
C CYS B 36 4.86 2.88 22.74
N MET B 37 5.46 3.27 21.63
CA MET B 37 4.77 3.99 20.58
C MET B 37 3.72 3.14 19.84
N ARG B 38 4.04 1.87 19.66
CA ARG B 38 3.06 0.95 19.13
C ARG B 38 1.88 0.70 20.06
N THR B 39 2.18 0.70 21.36
CA THR B 39 1.15 0.58 22.39
C THR B 39 0.10 1.68 22.21
N MET B 40 0.46 2.83 21.64
CA MET B 40 -0.53 3.87 21.38
C MET B 40 -1.00 3.93 19.92
N GLY B 41 -0.58 2.96 19.11
CA GLY B 41 -1.08 2.77 17.81
C GLY B 41 -0.28 3.49 16.74
N TYR B 42 0.97 3.80 17.02
CA TYR B 42 1.77 4.52 16.08
C TYR B 42 2.90 3.60 15.60
N MET B 43 3.14 3.63 14.29
CA MET B 43 4.21 2.86 13.63
CA MET B 43 4.25 2.84 13.73
C MET B 43 5.39 3.77 13.34
N PRO B 44 6.43 3.75 14.17
CA PRO B 44 7.50 4.74 13.92
C PRO B 44 8.53 4.29 12.85
N THR B 45 9.26 5.24 12.26
CA THR B 45 10.38 4.86 11.44
C THR B 45 11.55 4.69 12.36
N GLU B 46 12.60 4.03 11.89
CA GLU B 46 13.82 3.93 12.67
C GLU B 46 14.50 5.28 12.90
N MET B 47 14.47 6.16 11.91
CA MET B 47 15.03 7.49 12.04
C MET B 47 14.27 8.31 13.13
N GLU B 48 12.95 8.25 13.15
CA GLU B 48 12.20 8.86 14.24
C GLU B 48 12.73 8.42 15.60
N LEU B 49 13.02 7.13 15.69
CA LEU B 49 13.45 6.51 16.93
C LEU B 49 14.81 6.98 17.37
N ILE B 50 15.74 7.06 16.43
CA ILE B 50 17.04 7.64 16.75
C ILE B 50 16.85 9.06 17.33
N GLU B 51 16.01 9.86 16.68
CA GLU B 51 15.82 11.26 17.04
C GLU B 51 15.21 11.39 18.42
N LEU B 52 14.23 10.52 18.72
CA LEU B 52 13.47 10.65 19.94
C LEU B 52 14.27 10.14 21.12
N SER B 53 15.01 9.04 20.93
CA SER B 53 16.01 8.60 21.92
C SER B 53 16.90 9.69 22.36
N GLN B 54 17.49 10.36 21.37
CA GLN B 54 18.46 11.40 21.62
C GLN B 54 17.84 12.50 22.45
N GLN B 55 16.69 12.97 22.03
CA GLN B 55 15.95 13.97 22.77
C GLN B 55 15.63 13.58 24.22
N ILE B 56 15.22 12.33 24.41
CA ILE B 56 14.94 11.78 25.73
C ILE B 56 16.17 11.50 26.57
N ASN B 57 17.13 10.75 26.02
CA ASN B 57 18.32 10.38 26.84
C ASN B 57 19.35 11.51 26.95
N MET B 58 19.59 12.20 25.84
CA MET B 58 20.64 13.22 25.86
C MET B 58 20.11 14.58 26.30
N ASN B 59 19.18 15.19 25.55
CA ASN B 59 18.56 16.49 25.96
C ASN B 59 17.87 16.53 27.33
N LEU B 60 17.10 15.48 27.66
CA LEU B 60 16.30 15.39 28.88
C LEU B 60 16.97 14.58 29.98
N GLY B 61 18.11 13.95 29.65
CA GLY B 61 18.87 13.13 30.61
C GLY B 61 18.09 11.93 31.11
N GLY B 62 17.17 11.42 30.30
CA GLY B 62 16.27 10.36 30.73
C GLY B 62 15.13 10.75 31.66
N HIS B 63 15.06 12.02 32.04
CA HIS B 63 14.05 12.51 32.96
C HIS B 63 12.81 12.99 32.17
N VAL B 64 11.72 12.23 32.23
CA VAL B 64 10.56 12.53 31.42
C VAL B 64 9.33 12.30 32.28
N ASP B 65 8.59 13.34 32.66
CA ASP B 65 7.29 13.10 33.26
C ASP B 65 6.22 13.00 32.21
N PHE B 66 4.98 12.86 32.65
CA PHE B 66 3.86 12.60 31.74
C PHE B 66 3.57 13.78 30.79
N ASP B 67 3.72 14.99 31.28
CA ASP B 67 3.60 16.18 30.46
C ASP B 67 4.60 16.21 29.33
N ASP B 68 5.82 15.82 29.62
CA ASP B 68 6.91 15.81 28.66
C ASP B 68 6.54 14.80 27.60
N PHE B 69 6.13 13.61 28.08
CA PHE B 69 5.80 12.49 27.22
C PHE B 69 4.61 12.80 26.33
N VAL B 70 3.62 13.48 26.89
CA VAL B 70 2.48 13.93 26.07
C VAL B 70 2.93 14.92 24.97
N GLU B 71 3.82 15.85 25.37
CA GLU B 71 4.37 16.80 24.41
C GLU B 71 5.15 16.06 23.29
N LEU B 72 5.97 15.06 23.62
CA LEU B 72 6.68 14.30 22.63
C LEU B 72 5.80 13.40 21.77
N MET B 73 4.85 12.71 22.39
CA MET B 73 4.10 11.65 21.71
C MET B 73 2.75 12.09 21.17
N GLY B 74 2.15 13.08 21.79
CA GLY B 74 0.86 13.58 21.31
C GLY B 74 0.83 13.85 19.82
N PRO B 75 1.86 14.52 19.28
CA PRO B 75 1.86 14.80 17.84
C PRO B 75 1.89 13.52 17.03
N LYS B 76 2.45 12.46 17.61
CA LYS B 76 2.54 11.24 16.87
C LYS B 76 1.24 10.48 16.94
N LEU B 77 0.62 10.44 18.12
CA LEU B 77 -0.75 9.92 18.24
C LEU B 77 -1.64 10.61 17.18
N LEU B 78 -1.56 11.93 17.10
CA LEU B 78 -2.44 12.65 16.22
C LEU B 78 -2.13 12.37 14.78
N ALA B 79 -0.91 11.94 14.50
CA ALA B 79 -0.58 11.64 13.10
C ALA B 79 -0.95 10.25 12.70
N GLU B 80 -1.63 9.48 13.55
CA GLU B 80 -1.96 8.10 13.17
C GLU B 80 -2.92 8.04 11.93
N THR B 81 -2.64 7.17 10.99
CA THR B 81 -3.45 7.06 9.77
C THR B 81 -4.31 5.81 9.77
N ALA B 82 -5.27 5.72 8.85
CA ALA B 82 -6.17 4.52 8.78
C ALA B 82 -5.39 3.20 8.90
N ASP B 83 -4.28 3.13 8.21
CA ASP B 83 -3.49 1.91 8.22
C ASP B 83 -2.86 1.51 9.57
N MET B 84 -2.60 2.47 10.45
CA MET B 84 -2.09 2.17 11.74
C MET B 84 -3.22 1.78 12.69
N ILE B 85 -4.40 2.28 12.39
CA ILE B 85 -5.50 2.24 13.36
C ILE B 85 -6.17 0.91 13.40
N GLY B 86 -6.34 0.34 12.21
CA GLY B 86 -7.06 -0.87 12.11
C GLY B 86 -8.56 -0.66 11.97
N VAL B 87 -9.20 -1.67 11.39
CA VAL B 87 -10.57 -1.58 11.00
C VAL B 87 -11.54 -1.40 12.17
N LYS B 88 -11.31 -2.12 13.24
CA LYS B 88 -12.14 -2.05 14.42
C LYS B 88 -12.17 -0.66 15.07
N GLU B 89 -11.02 -0.08 15.26
CA GLU B 89 -10.90 1.25 15.81
C GLU B 89 -11.53 2.31 14.85
N LEU B 90 -11.35 2.14 13.54
CA LEU B 90 -11.94 3.04 12.59
C LEU B 90 -13.46 2.97 12.60
N ARG B 91 -13.98 1.75 12.66
CA ARG B 91 -15.40 1.52 12.80
C ARG B 91 -15.94 2.08 14.13
N ASP B 92 -15.18 1.98 15.23
CA ASP B 92 -15.60 2.62 16.49
C ASP B 92 -15.64 4.18 16.39
N ALA B 93 -14.66 4.77 15.71
CA ALA B 93 -14.68 6.22 15.50
C ALA B 93 -15.87 6.60 14.64
N PHE B 94 -16.06 5.85 13.54
CA PHE B 94 -17.20 6.09 12.67
C PHE B 94 -18.52 6.07 13.47
N ARG B 95 -18.67 5.09 14.38
CA ARG B 95 -19.86 4.94 15.24
C ARG B 95 -20.14 6.16 16.12
N GLU B 96 -19.08 6.79 16.61
CA GLU B 96 -19.20 8.03 17.34
C GLU B 96 -19.66 9.20 16.51
N PHE B 97 -19.15 9.34 15.29
CA PHE B 97 -19.68 10.30 14.33
C PHE B 97 -21.14 9.97 13.99
N ASP B 98 -21.38 8.68 13.67
CA ASP B 98 -22.71 8.28 13.21
C ASP B 98 -23.65 8.08 14.40
N THR B 99 -24.26 9.18 14.87
CA THR B 99 -24.98 9.18 16.15
C THR B 99 -26.30 8.41 16.13
N ASN B 100 -27.03 8.47 15.01
CA ASN B 100 -28.29 7.74 14.87
C ASN B 100 -28.04 6.34 14.29
N GLY B 101 -26.76 5.96 14.21
CA GLY B 101 -26.32 4.64 13.76
C GLY B 101 -26.92 4.10 12.47
N ASP B 102 -27.24 4.97 11.51
CA ASP B 102 -27.77 4.49 10.24
C ASP B 102 -26.69 4.10 9.21
N GLY B 103 -25.42 4.09 9.62
CA GLY B 103 -24.27 3.75 8.76
C GLY B 103 -23.85 4.81 7.75
N GLU B 104 -24.25 6.05 8.02
CA GLU B 104 -23.93 7.16 7.14
C GLU B 104 -23.76 8.41 8.01
N ILE B 105 -22.74 9.22 7.74
CA ILE B 105 -22.56 10.48 8.48
C ILE B 105 -23.20 11.58 7.66
N SER B 106 -24.29 12.16 8.19
CA SER B 106 -24.93 13.35 7.62
C SER B 106 -24.16 14.61 7.99
N THR B 107 -24.51 15.74 7.36
CA THR B 107 -23.86 17.01 7.72
C THR B 107 -24.18 17.46 9.14
N SER B 108 -25.39 17.26 9.68
CA SER B 108 -25.58 17.59 11.11
C SER B 108 -24.71 16.74 12.02
N GLU B 109 -24.59 15.46 11.69
CA GLU B 109 -23.70 14.61 12.45
C GLU B 109 -22.27 15.00 12.34
N LEU B 110 -21.83 15.31 11.13
CA LEU B 110 -20.45 15.69 10.89
C LEU B 110 -20.09 16.96 11.62
N ARG B 111 -21.05 17.88 11.67
CA ARG B 111 -20.93 19.13 12.36
C ARG B 111 -20.75 18.98 13.87
N GLU B 112 -21.60 18.21 14.52
CA GLU B 112 -21.30 17.80 15.90
C GLU B 112 -19.93 17.17 16.06
N ALA B 113 -19.57 16.23 15.20
CA ALA B 113 -18.32 15.53 15.44
C ALA B 113 -17.16 16.50 15.43
N MET B 114 -17.21 17.44 14.50
CA MET B 114 -16.18 18.44 14.30
C MET B 114 -16.15 19.40 15.51
N ARG B 115 -17.29 19.81 16.03
CA ARG B 115 -17.26 20.60 17.25
C ARG B 115 -16.51 19.85 18.35
N ALA B 116 -16.86 18.58 18.55
CA ALA B 116 -16.30 17.79 19.62
C ALA B 116 -14.78 17.61 19.41
N LEU B 117 -14.32 17.38 18.17
CA LEU B 117 -12.86 17.22 17.98
C LEU B 117 -11.99 18.46 18.11
N LEU B 118 -12.54 19.63 17.74
CA LEU B 118 -11.79 20.87 17.61
C LEU B 118 -11.99 21.77 18.82
N GLY B 119 -13.03 21.47 19.61
CA GLY B 119 -13.36 22.25 20.79
C GLY B 119 -14.07 23.55 20.52
N HIS B 120 -14.48 23.78 19.27
CA HIS B 120 -15.33 24.95 18.91
C HIS B 120 -16.27 24.57 17.75
N GLN B 121 -17.31 25.36 17.51
CA GLN B 121 -18.17 25.10 16.35
C GLN B 121 -17.47 25.45 15.02
N VAL B 122 -17.90 24.81 13.95
CA VAL B 122 -17.37 24.98 12.62
C VAL B 122 -18.49 25.62 11.83
N GLY B 123 -18.15 26.57 10.96
CA GLY B 123 -19.17 27.33 10.17
C GLY B 123 -19.76 26.46 9.07
N HIS B 124 -20.93 26.83 8.61
CA HIS B 124 -21.61 26.04 7.61
C HIS B 124 -20.86 25.92 6.24
N ARG B 125 -20.10 26.95 5.84
CA ARG B 125 -19.19 26.89 4.68
C ARG B 125 -18.18 25.78 4.83
N ASP B 126 -17.66 25.64 6.05
CA ASP B 126 -16.61 24.69 6.32
C ASP B 126 -17.11 23.27 6.21
N ILE B 127 -18.28 22.99 6.74
CA ILE B 127 -18.86 21.67 6.64
C ILE B 127 -19.11 21.31 5.16
N GLU B 128 -19.69 22.25 4.41
CA GLU B 128 -19.93 22.04 3.00
C GLU B 128 -18.66 21.68 2.28
N GLU B 129 -17.58 22.42 2.55
CA GLU B 129 -16.30 22.20 1.90
C GLU B 129 -15.72 20.82 2.26
N ILE B 130 -15.84 20.45 3.53
CA ILE B 130 -15.49 19.12 3.94
C ILE B 130 -16.30 18.05 3.18
N ILE B 131 -17.62 18.21 3.16
CA ILE B 131 -18.50 17.29 2.46
C ILE B 131 -18.10 17.21 1.01
N ARG B 132 -17.92 18.35 0.37
CA ARG B 132 -17.41 18.37 -0.99
C ARG B 132 -16.07 17.62 -1.19
N ASP B 133 -15.09 17.85 -0.33
CA ASP B 133 -13.76 17.25 -0.52
C ASP B 133 -13.77 15.73 -0.25
N VAL B 134 -14.73 15.27 0.53
CA VAL B 134 -14.71 13.94 1.08
C VAL B 134 -15.74 12.95 0.42
N ASP B 135 -16.82 13.49 -0.14
CA ASP B 135 -17.92 12.65 -0.54
C ASP B 135 -17.72 12.20 -1.99
N LEU B 136 -17.40 10.91 -2.19
CA LEU B 136 -17.03 10.42 -3.51
C LEU B 136 -18.19 10.01 -4.38
N ASN B 137 -19.37 9.86 -3.79
CA ASN B 137 -20.49 9.43 -4.61
C ASN B 137 -21.58 10.45 -4.67
N GLY B 138 -21.27 11.67 -4.25
CA GLY B 138 -22.17 12.79 -4.51
C GLY B 138 -23.53 12.67 -3.86
N ASP B 139 -23.67 11.75 -2.90
CA ASP B 139 -24.93 11.60 -2.15
C ASP B 139 -25.02 12.62 -0.99
N GLY B 140 -23.98 13.41 -0.82
CA GLY B 140 -23.98 14.44 0.23
C GLY B 140 -23.82 13.90 1.65
N ARG B 141 -23.55 12.60 1.80
CA ARG B 141 -23.33 12.04 3.10
C ARG B 141 -22.03 11.24 3.07
N VAL B 142 -21.46 10.91 4.23
CA VAL B 142 -20.16 10.21 4.28
C VAL B 142 -20.27 8.74 4.78
N ASP B 143 -19.90 7.78 3.92
CA ASP B 143 -19.99 6.36 4.31
C ASP B 143 -18.69 5.91 4.95
N PHE B 144 -18.62 4.63 5.32
CA PHE B 144 -17.39 4.16 5.99
C PHE B 144 -16.16 4.33 5.14
N GLU B 145 -16.27 3.99 3.85
CA GLU B 145 -15.16 4.07 2.92
C GLU B 145 -14.63 5.50 2.74
N GLU B 146 -15.54 6.47 2.66
CA GLU B 146 -15.20 7.88 2.50
C GLU B 146 -14.50 8.40 3.76
N PHE B 147 -14.94 7.91 4.90
CA PHE B 147 -14.43 8.28 6.18
C PHE B 147 -13.01 7.76 6.36
N VAL B 148 -12.78 6.51 5.96
CA VAL B 148 -11.47 5.91 6.06
C VAL B 148 -10.44 6.70 5.19
N ARG B 149 -10.90 7.18 4.06
CA ARG B 149 -10.12 8.03 3.19
C ARG B 149 -9.76 9.39 3.79
N MET B 150 -10.63 9.92 4.65
CA MET B 150 -10.34 11.10 5.42
C MET B 150 -9.10 10.96 6.29
N MET B 151 -8.74 9.73 6.68
CA MET B 151 -7.57 9.48 7.51
C MET B 151 -6.48 8.73 6.82
N SER B 152 -6.50 8.76 5.51
CA SER B 152 -5.41 8.22 4.70
C SER B 152 -4.75 9.36 3.94
N ARG B 153 -3.50 9.08 3.63
CA ARG B 153 -2.65 9.92 2.83
C ARG B 153 -2.81 9.65 1.34
N MET C 1 10.41 20.02 17.81
CA MET C 1 10.71 19.24 16.59
C MET C 1 11.78 18.20 16.87
N ASP C 2 11.60 17.01 16.31
CA ASP C 2 12.44 15.84 16.56
C ASP C 2 13.93 16.09 16.29
N ARG C 3 14.23 17.05 15.40
CA ARG C 3 15.58 17.57 15.14
C ARG C 3 15.51 18.97 14.52
N SER C 4 16.66 19.65 14.39
CA SER C 4 16.74 20.93 13.66
C SER C 4 16.55 20.81 12.15
N LEU C 5 15.90 21.82 11.57
CA LEU C 5 15.80 21.93 10.13
C LEU C 5 17.13 22.39 9.48
N ARG C 6 17.50 21.68 8.42
CA ARG C 6 18.66 22.03 7.62
C ARG C 6 18.24 23.04 6.54
N PRO C 7 19.22 23.77 5.98
CA PRO C 7 18.92 24.88 5.08
C PRO C 7 18.09 24.51 3.85
N GLU C 8 18.36 23.38 3.22
CA GLU C 8 17.55 22.94 2.08
C GLU C 8 16.11 22.55 2.50
N GLU C 9 15.88 22.30 3.77
CA GLU C 9 14.51 22.06 4.23
C GLU C 9 13.82 23.39 4.45
N ILE C 10 14.56 24.35 5.01
CA ILE C 10 14.03 25.71 5.21
C ILE C 10 13.62 26.32 3.87
N GLU C 11 14.33 25.92 2.82
CA GLU C 11 14.06 26.40 1.49
C GLU C 11 12.79 25.81 0.91
N GLU C 12 12.53 24.52 1.13
CA GLU C 12 11.24 24.03 0.64
C GLU C 12 10.05 24.56 1.42
N LEU C 13 10.23 24.81 2.72
CA LEU C 13 9.21 25.49 3.52
C LEU C 13 8.98 26.89 2.97
N ARG C 14 10.04 27.52 2.53
CA ARG C 14 9.91 28.84 1.94
C ARG C 14 9.11 28.83 0.63
N GLU C 15 9.26 27.80 -0.21
CA GLU C 15 8.48 27.75 -1.44
C GLU C 15 7.01 27.50 -1.06
N ALA C 16 6.80 26.68 -0.01
CA ALA C 16 5.46 26.36 0.43
C ALA C 16 4.79 27.60 0.99
N PHE C 17 5.56 28.36 1.75
CA PHE C 17 5.03 29.54 2.38
C PHE C 17 4.55 30.55 1.36
N ARG C 18 5.34 30.72 0.33
CA ARG C 18 5.02 31.64 -0.73
C ARG C 18 3.71 31.20 -1.45
N GLU C 19 3.51 29.91 -1.65
CA GLU C 19 2.27 29.44 -2.26
C GLU C 19 1.06 29.58 -1.27
N PHE C 20 1.27 29.24 -0.02
CA PHE C 20 0.33 29.52 1.04
C PHE C 20 -0.21 30.96 1.09
N ASP C 21 0.70 31.93 1.18
CA ASP C 21 0.33 33.33 1.28
C ASP C 21 -0.32 33.82 -0.01
N LYS C 22 0.15 33.34 -1.17
CA LYS C 22 -0.52 33.68 -2.41
C LYS C 22 -2.01 33.28 -2.39
N ASP C 23 -2.35 32.22 -1.66
CA ASP C 23 -3.74 31.75 -1.60
C ASP C 23 -4.46 32.02 -0.26
N LYS C 24 -3.73 32.49 0.75
CA LYS C 24 -4.36 32.90 2.01
C LYS C 24 -4.76 34.37 1.90
N ASP C 25 -6.05 34.60 1.73
CA ASP C 25 -6.61 35.94 1.67
C ASP C 25 -7.38 36.15 2.95
N GLY C 26 -6.66 36.52 4.01
CA GLY C 26 -7.24 36.42 5.34
C GLY C 26 -7.51 34.98 5.74
N TYR C 27 -7.91 34.15 4.77
CA TYR C 27 -8.29 32.77 5.06
C TYR C 27 -7.72 31.76 4.03
N ILE C 28 -7.45 30.52 4.44
CA ILE C 28 -7.04 29.45 3.49
C ILE C 28 -7.99 28.22 3.43
N ASN C 29 -8.26 27.83 2.20
CA ASN C 29 -8.97 26.64 1.79
C ASN C 29 -8.16 25.34 2.10
N CYS C 30 -8.85 24.22 2.31
CA CYS C 30 -8.21 22.90 2.52
C CYS C 30 -7.43 22.32 1.29
N ARG C 31 -8.08 22.21 0.15
CA ARG C 31 -7.39 21.95 -1.12
C ARG C 31 -6.12 22.82 -1.30
N ASP C 32 -6.22 24.13 -1.07
CA ASP C 32 -5.06 25.02 -1.11
C ASP C 32 -4.02 24.65 -0.06
N LEU C 33 -4.47 24.37 1.16
CA LEU C 33 -3.53 24.10 2.22
C LEU C 33 -2.75 22.83 1.92
N GLY C 34 -3.48 21.87 1.35
CA GLY C 34 -2.95 20.61 0.99
C GLY C 34 -1.82 20.73 0.00
N ASN C 35 -2.07 21.45 -1.07
CA ASN C 35 -1.07 21.60 -2.08
C ASN C 35 0.17 22.37 -1.64
N CYS C 36 0.04 23.24 -0.63
CA CYS C 36 1.21 23.98 -0.20
CA CYS C 36 1.18 24.01 -0.12
C CYS C 36 2.10 23.04 0.63
N MET C 37 1.49 22.12 1.36
CA MET C 37 2.20 21.04 2.04
C MET C 37 2.83 20.01 1.06
N ARG C 38 2.19 19.70 -0.04
CA ARG C 38 2.87 18.85 -1.01
C ARG C 38 4.06 19.57 -1.63
N THR C 39 3.97 20.90 -1.74
CA THR C 39 5.07 21.65 -2.35
C THR C 39 6.37 21.40 -1.56
N MET C 40 6.27 21.06 -0.28
CA MET C 40 7.45 20.76 0.51
C MET C 40 7.57 19.27 0.77
N GLY C 41 6.78 18.49 0.05
CA GLY C 41 6.95 17.06 -0.01
C GLY C 41 6.14 16.23 0.96
N TYR C 42 5.10 16.82 1.51
CA TYR C 42 4.27 16.15 2.51
C TYR C 42 2.87 15.74 2.00
N MET C 43 2.43 14.50 2.31
CA MET C 43 1.11 14.02 1.90
CA MET C 43 1.13 13.97 1.90
C MET C 43 0.15 14.07 3.07
N PRO C 44 -0.67 15.13 3.15
CA PRO C 44 -1.50 15.24 4.34
C PRO C 44 -2.81 14.41 4.25
N THR C 45 -3.42 14.11 5.40
CA THR C 45 -4.73 13.47 5.40
C THR C 45 -5.77 14.57 5.43
N GLU C 46 -7.00 14.29 4.99
CA GLU C 46 -8.04 15.30 5.01
C GLU C 46 -8.28 15.80 6.44
N MET C 47 -8.18 14.89 7.40
CA MET C 47 -8.38 15.26 8.81
C MET C 47 -7.32 16.27 9.30
N GLU C 48 -6.07 16.03 8.93
CA GLU C 48 -4.94 16.92 9.15
C GLU C 48 -5.28 18.32 8.54
N LEU C 49 -5.75 18.34 7.30
CA LEU C 49 -6.14 19.58 6.65
C LEU C 49 -7.22 20.35 7.41
N ILE C 50 -8.33 19.68 7.75
CA ILE C 50 -9.36 20.27 8.57
C ILE C 50 -8.82 20.89 9.88
N GLU C 51 -7.92 20.16 10.55
CA GLU C 51 -7.29 20.63 11.77
C GLU C 51 -6.44 21.88 11.61
N LEU C 52 -5.50 21.84 10.67
CA LEU C 52 -4.58 22.94 10.45
C LEU C 52 -5.36 24.17 9.98
N SER C 53 -6.30 23.98 9.06
CA SER C 53 -6.97 25.12 8.49
C SER C 53 -7.78 25.84 9.56
N GLN C 54 -8.39 25.13 10.48
CA GLN C 54 -9.07 25.76 11.60
C GLN C 54 -8.07 26.54 12.41
N GLN C 55 -6.98 25.90 12.75
CA GLN C 55 -5.93 26.57 13.49
C GLN C 55 -5.45 27.86 12.80
N ILE C 56 -5.11 27.75 11.53
CA ILE C 56 -4.63 28.89 10.76
C ILE C 56 -5.74 29.94 10.68
N ASN C 57 -6.94 29.53 10.26
CA ASN C 57 -8.05 30.47 10.13
C ASN C 57 -8.66 31.01 11.43
N MET C 58 -8.89 30.17 12.43
CA MET C 58 -9.51 30.68 13.67
CA MET C 58 -9.53 30.65 13.67
C MET C 58 -8.60 31.07 14.84
N ASN C 59 -7.79 30.14 15.34
CA ASN C 59 -6.81 30.44 16.39
C ASN C 59 -5.92 31.61 16.04
N LEU C 60 -5.09 31.45 15.01
CA LEU C 60 -4.13 32.47 14.63
C LEU C 60 -4.74 33.64 13.86
N GLY C 61 -6.05 33.59 13.65
CA GLY C 61 -6.77 34.66 12.95
C GLY C 61 -6.69 34.62 11.42
N GLY C 62 -5.63 33.99 10.90
CA GLY C 62 -5.33 34.02 9.46
C GLY C 62 -4.00 34.72 9.26
N HIS C 63 -3.33 34.99 10.39
CA HIS C 63 -2.08 35.75 10.48
C HIS C 63 -0.94 34.77 10.69
N VAL C 64 -0.32 34.43 9.57
CA VAL C 64 0.75 33.48 9.58
C VAL C 64 1.89 34.10 8.80
N ASP C 65 2.99 34.30 9.50
CA ASP C 65 4.22 34.70 8.91
C ASP C 65 5.14 33.50 8.88
N PHE C 66 6.23 33.62 8.15
CA PHE C 66 7.14 32.53 7.92
C PHE C 66 7.46 31.72 9.20
N ASP C 67 7.85 32.44 10.26
CA ASP C 67 8.17 31.82 11.56
C ASP C 67 7.02 30.93 12.06
N ASP C 68 5.80 31.46 12.03
CA ASP C 68 4.60 30.68 12.40
C ASP C 68 4.40 29.47 11.49
N PHE C 69 4.63 29.67 10.20
CA PHE C 69 4.44 28.62 9.22
C PHE C 69 5.42 27.47 9.46
N VAL C 70 6.67 27.80 9.76
CA VAL C 70 7.70 26.83 10.04
C VAL C 70 7.36 26.02 11.26
N GLU C 71 6.83 26.72 12.26
CA GLU C 71 6.44 26.10 13.50
C GLU C 71 5.41 25.04 13.27
N LEU C 72 4.45 25.31 12.36
CA LEU C 72 3.34 24.41 12.03
C LEU C 72 3.72 23.33 11.06
N MET C 73 4.57 23.68 10.09
CA MET C 73 4.90 22.77 8.99
C MET C 73 6.21 22.01 9.17
N GLY C 74 7.17 22.59 9.89
CA GLY C 74 8.41 21.91 10.22
C GLY C 74 8.18 20.45 10.64
N PRO C 75 7.34 20.23 11.67
CA PRO C 75 7.08 18.85 12.11
C PRO C 75 6.60 17.95 10.99
N LYS C 76 5.76 18.45 10.11
CA LYS C 76 5.32 17.63 8.98
C LYS C 76 6.47 17.37 8.02
N LEU C 77 7.25 18.40 7.69
CA LEU C 77 8.37 18.18 6.82
C LEU C 77 9.21 17.02 7.35
N LEU C 78 9.48 17.02 8.64
CA LEU C 78 10.39 16.07 9.24
C LEU C 78 9.82 14.67 9.27
N ALA C 79 8.49 14.55 9.35
CA ALA C 79 7.74 13.31 9.34
C ALA C 79 7.65 12.65 7.97
N GLU C 80 8.24 13.25 6.95
CA GLU C 80 8.16 12.64 5.61
C GLU C 80 8.86 11.30 5.54
N THR C 81 8.17 10.31 4.99
CA THR C 81 8.72 8.99 4.85
C THR C 81 9.18 8.73 3.43
N ALA C 82 9.81 7.59 3.24
CA ALA C 82 10.43 7.25 1.96
C ALA C 82 9.42 7.30 0.81
N ASP C 83 8.21 6.81 1.08
CA ASP C 83 7.18 6.84 0.05
C ASP C 83 6.72 8.27 -0.35
N MET C 84 7.03 9.32 0.44
CA MET C 84 6.71 10.71 0.07
C MET C 84 7.83 11.44 -0.65
N ILE C 85 9.05 11.07 -0.33
CA ILE C 85 10.25 11.70 -0.77
C ILE C 85 10.59 11.27 -2.21
N GLY C 86 10.43 9.98 -2.52
CA GLY C 86 10.72 9.46 -3.85
C GLY C 86 12.17 9.04 -4.06
N VAL C 87 12.43 8.31 -5.14
CA VAL C 87 13.72 7.61 -5.26
C VAL C 87 14.89 8.57 -5.40
N LYS C 88 14.76 9.54 -6.29
CA LYS C 88 15.79 10.51 -6.60
C LYS C 88 16.36 11.12 -5.33
N GLU C 89 15.47 11.71 -4.55
CA GLU C 89 15.82 12.43 -3.34
C GLU C 89 16.40 11.50 -2.29
N LEU C 90 15.85 10.29 -2.17
CA LEU C 90 16.42 9.32 -1.25
C LEU C 90 17.84 9.00 -1.62
N ARG C 91 18.08 8.87 -2.91
CA ARG C 91 19.40 8.53 -3.39
C ARG C 91 20.37 9.69 -3.17
N ASP C 92 19.86 10.91 -3.26
CA ASP C 92 20.63 12.09 -2.90
C ASP C 92 21.07 12.10 -1.44
N ALA C 93 20.14 11.79 -0.54
CA ALA C 93 20.42 11.79 0.90
C ALA C 93 21.39 10.71 1.21
N PHE C 94 21.17 9.54 0.60
CA PHE C 94 22.06 8.41 0.77
C PHE C 94 23.47 8.80 0.35
N ARG C 95 23.59 9.54 -0.75
CA ARG C 95 24.88 9.93 -1.29
C ARG C 95 25.58 10.85 -0.29
N GLU C 96 24.78 11.64 0.44
CA GLU C 96 25.33 12.48 1.51
C GLU C 96 25.77 11.70 2.73
N PHE C 97 25.14 10.55 3.00
CA PHE C 97 25.68 9.66 4.02
C PHE C 97 26.96 8.98 3.53
N ASP C 98 26.93 8.51 2.29
CA ASP C 98 28.02 7.70 1.73
C ASP C 98 29.09 8.60 1.16
N THR C 99 30.01 9.03 2.01
CA THR C 99 30.95 10.10 1.62
C THR C 99 32.08 9.63 0.73
N ASN C 100 32.51 8.38 0.89
CA ASN C 100 33.50 7.81 -0.01
C ASN C 100 32.89 7.21 -1.29
N GLY C 101 31.59 7.42 -1.46
CA GLY C 101 30.85 6.99 -2.65
C GLY C 101 31.01 5.54 -3.08
N ASP C 102 31.24 4.63 -2.13
CA ASP C 102 31.40 3.21 -2.47
C ASP C 102 30.05 2.47 -2.64
N GLY C 103 28.97 3.14 -2.27
CA GLY C 103 27.61 2.56 -2.39
C GLY C 103 27.14 1.91 -1.11
N GLU C 104 27.81 2.18 0.00
CA GLU C 104 27.40 1.66 1.30
C GLU C 104 27.76 2.60 2.44
N ILE C 105 26.95 2.60 3.49
CA ILE C 105 27.17 3.50 4.63
C ILE C 105 27.84 2.75 5.76
N SER C 106 29.00 3.24 6.17
CA SER C 106 29.78 2.57 7.20
C SER C 106 29.47 3.24 8.53
N THR C 107 30.03 2.68 9.61
CA THR C 107 29.81 3.18 10.95
C THR C 107 30.33 4.61 11.09
N SER C 108 31.52 4.89 10.55
CA SER C 108 32.10 6.24 10.64
C SER C 108 31.25 7.22 9.83
N GLU C 109 30.79 6.74 8.68
CA GLU C 109 29.93 7.53 7.82
C GLU C 109 28.59 7.74 8.51
N LEU C 110 28.07 6.69 9.11
CA LEU C 110 26.83 6.84 9.82
C LEU C 110 26.95 7.81 10.97
N ARG C 111 28.07 7.72 11.69
CA ARG C 111 28.32 8.56 12.84
C ARG C 111 28.35 9.99 12.40
N GLU C 112 29.16 10.27 11.38
CA GLU C 112 29.30 11.62 10.87
C GLU C 112 27.92 12.18 10.51
N ALA C 113 27.16 11.39 9.76
CA ALA C 113 25.84 11.80 9.30
C ALA C 113 24.85 12.04 10.45
N MET C 114 24.95 11.24 11.49
CA MET C 114 24.08 11.43 12.64
C MET C 114 24.37 12.74 13.34
N ARG C 115 25.66 13.00 13.55
CA ARG C 115 26.16 14.26 14.12
C ARG C 115 25.75 15.49 13.33
N ALA C 116 25.80 15.39 12.00
CA ALA C 116 25.28 16.44 11.14
C ALA C 116 23.79 16.72 11.44
N LEU C 117 22.97 15.68 11.46
CA LEU C 117 21.51 15.82 11.62
C LEU C 117 21.04 16.21 13.03
N LEU C 118 21.66 15.62 14.03
CA LEU C 118 21.28 15.87 15.41
C LEU C 118 22.02 17.01 16.07
N GLY C 119 22.96 17.63 15.34
CA GLY C 119 23.71 18.78 15.85
C GLY C 119 24.69 18.55 17.00
N HIS C 120 24.93 17.29 17.35
CA HIS C 120 25.85 16.89 18.44
C HIS C 120 26.42 15.50 18.20
N GLN C 121 27.49 15.17 18.92
CA GLN C 121 28.13 13.86 18.78
C GLN C 121 27.18 12.73 19.19
N VAL C 122 27.33 11.57 18.56
CA VAL C 122 26.58 10.37 18.95
C VAL C 122 27.55 9.36 19.54
N GLY C 123 27.18 8.75 20.66
CA GLY C 123 28.04 7.77 21.36
C GLY C 123 28.37 6.60 20.45
N HIS C 124 29.46 5.90 20.72
CA HIS C 124 29.84 4.79 19.83
C HIS C 124 28.95 3.57 20.07
N ARG C 125 28.38 3.48 21.28
CA ARG C 125 27.43 2.43 21.64
C ARG C 125 26.07 2.68 20.99
N ASP C 126 25.78 3.94 20.75
CA ASP C 126 24.57 4.31 20.04
C ASP C 126 24.67 3.93 18.57
N ILE C 127 25.84 4.16 17.98
CA ILE C 127 26.03 3.86 16.56
C ILE C 127 25.86 2.37 16.31
N GLU C 128 26.31 1.56 17.27
CA GLU C 128 26.28 0.11 17.12
C GLU C 128 24.86 -0.43 17.25
N GLU C 129 24.15 0.03 18.27
CA GLU C 129 22.72 -0.23 18.37
C GLU C 129 21.99 0.24 17.11
N ILE C 130 22.39 1.37 16.52
CA ILE C 130 21.78 1.79 15.26
C ILE C 130 22.11 0.82 14.10
N ILE C 131 23.39 0.51 13.93
CA ILE C 131 23.86 -0.44 12.92
C ILE C 131 23.18 -1.81 13.03
N ARG C 132 23.12 -2.34 14.26
CA ARG C 132 22.42 -3.59 14.54
C ARG C 132 20.96 -3.60 14.07
N ASP C 133 20.20 -2.55 14.40
CA ASP C 133 18.76 -2.44 14.11
C ASP C 133 18.45 -2.32 12.62
N VAL C 134 19.43 -1.80 11.87
CA VAL C 134 19.26 -1.31 10.53
C VAL C 134 19.87 -2.22 9.46
N ASP C 135 20.85 -3.05 9.85
CA ASP C 135 21.64 -3.86 8.92
C ASP C 135 21.07 -5.27 8.83
N LEU C 136 20.17 -5.49 7.90
CA LEU C 136 19.57 -6.79 7.73
C LEU C 136 20.52 -7.89 7.27
N ASN C 137 21.47 -7.56 6.41
CA ASN C 137 22.29 -8.64 5.89
C ASN C 137 23.55 -8.95 6.71
N GLY C 138 23.68 -8.27 7.85
CA GLY C 138 24.78 -8.52 8.78
C GLY C 138 26.19 -8.25 8.25
N ASP C 139 26.29 -7.58 7.12
CA ASP C 139 27.59 -7.20 6.60
C ASP C 139 28.13 -5.98 7.33
N GLY C 140 27.42 -5.53 8.36
CA GLY C 140 27.90 -4.42 9.19
C GLY C 140 27.95 -3.08 8.48
N ARG C 141 27.29 -2.99 7.32
CA ARG C 141 27.14 -1.74 6.58
C ARG C 141 25.72 -1.61 6.08
N VAL C 142 25.36 -0.39 5.70
CA VAL C 142 24.00 -0.03 5.33
C VAL C 142 23.89 0.32 3.82
N ASP C 143 23.17 -0.51 3.06
CA ASP C 143 22.93 -0.27 1.62
C ASP C 143 21.66 0.53 1.43
N PHE C 144 21.45 0.99 0.19
CA PHE C 144 20.33 1.82 -0.17
C PHE C 144 19.00 1.31 0.34
N GLU C 145 18.76 0.04 0.11
CA GLU C 145 17.52 -0.61 0.53
C GLU C 145 17.33 -0.60 2.03
N GLU C 146 18.44 -0.66 2.77
CA GLU C 146 18.38 -0.64 4.23
C GLU C 146 18.20 0.78 4.69
N PHE C 147 18.80 1.72 3.96
CA PHE C 147 18.70 3.14 4.30
C PHE C 147 17.25 3.65 4.06
N VAL C 148 16.68 3.26 2.94
CA VAL C 148 15.25 3.46 2.73
C VAL C 148 14.36 2.84 3.81
N ARG C 149 14.63 1.60 4.24
CA ARG C 149 13.81 1.00 5.29
C ARG C 149 13.90 1.79 6.60
N MET C 150 15.07 2.40 6.85
CA MET C 150 15.27 3.31 7.97
C MET C 150 14.26 4.51 7.97
N MET C 151 13.78 4.87 6.78
CA MET C 151 12.84 5.97 6.67
C MET C 151 11.41 5.54 6.35
N SER C 152 11.07 4.29 6.59
CA SER C 152 9.73 3.81 6.35
C SER C 152 9.13 3.30 7.62
N ARG C 153 7.81 3.23 7.65
CA ARG C 153 7.10 2.65 8.78
C ARG C 153 6.92 1.14 8.57
N MET D 1 10.85 4.74 -27.51
CA MET D 1 10.33 5.39 -26.30
C MET D 1 8.93 5.95 -26.46
N ASP D 2 8.14 5.86 -25.39
CA ASP D 2 6.76 6.33 -25.31
C ASP D 2 6.63 7.67 -25.93
N ARG D 3 7.68 8.48 -25.78
CA ARG D 3 7.72 9.87 -26.20
C ARG D 3 9.13 10.45 -26.11
N SER D 4 9.25 11.74 -26.41
CA SER D 4 10.51 12.47 -26.45
C SER D 4 10.88 13.04 -25.09
N LEU D 5 12.17 12.93 -24.76
CA LEU D 5 12.71 13.39 -23.51
C LEU D 5 12.78 14.89 -23.53
N ARG D 6 12.03 15.52 -22.62
CA ARG D 6 12.06 16.97 -22.49
C ARG D 6 13.48 17.41 -22.13
N PRO D 7 13.86 18.64 -22.52
CA PRO D 7 15.17 19.18 -22.15
C PRO D 7 15.59 19.02 -20.68
N GLU D 8 14.64 18.93 -19.76
CA GLU D 8 14.96 18.70 -18.33
C GLU D 8 15.37 17.25 -18.15
N GLU D 9 14.64 16.38 -18.83
CA GLU D 9 14.85 14.95 -18.72
C GLU D 9 16.20 14.51 -19.23
N ILE D 10 16.63 15.08 -20.35
CA ILE D 10 17.99 14.85 -20.80
C ILE D 10 19.00 15.36 -19.76
N GLU D 11 18.75 16.54 -19.20
CA GLU D 11 19.68 17.14 -18.25
C GLU D 11 20.08 16.17 -17.13
N GLU D 12 19.11 15.47 -16.55
CA GLU D 12 19.40 14.49 -15.51
C GLU D 12 20.01 13.16 -15.96
N LEU D 13 19.93 12.85 -17.26
CA LEU D 13 20.66 11.74 -17.84
C LEU D 13 22.15 12.12 -17.91
N ARG D 14 22.40 13.41 -18.16
CA ARG D 14 23.75 13.96 -18.16
C ARG D 14 24.37 13.95 -16.76
N GLU D 15 23.58 14.27 -15.75
CA GLU D 15 24.02 14.17 -14.35
C GLU D 15 24.21 12.71 -13.99
N ALA D 16 23.29 11.87 -14.45
CA ALA D 16 23.39 10.45 -14.21
C ALA D 16 24.67 9.88 -14.86
N PHE D 17 24.86 10.18 -16.16
CA PHE D 17 26.04 9.74 -16.90
C PHE D 17 27.35 10.28 -16.30
N ARG D 18 27.39 11.56 -15.92
CA ARG D 18 28.61 12.13 -15.33
C ARG D 18 29.03 11.38 -14.06
N GLU D 19 28.05 10.93 -13.27
CA GLU D 19 28.30 10.17 -12.04
C GLU D 19 28.71 8.72 -12.38
N PHE D 20 28.11 8.18 -13.44
CA PHE D 20 28.37 6.83 -13.97
C PHE D 20 29.77 6.70 -14.59
N ASP D 21 30.21 7.77 -15.27
CA ASP D 21 31.55 7.88 -15.81
C ASP D 21 32.61 7.66 -14.73
N LYS D 22 32.59 8.53 -13.71
CA LYS D 22 33.60 8.52 -12.64
C LYS D 22 33.79 7.16 -11.98
N CYS D 30 26.55 -4.24 -10.45
CA CYS D 30 25.10 -4.16 -10.31
C CYS D 30 24.63 -3.08 -9.33
N ARG D 31 25.17 -3.07 -8.12
CA ARG D 31 24.86 -2.01 -7.14
C ARG D 31 25.26 -0.65 -7.69
N ASP D 32 26.36 -0.64 -8.44
CA ASP D 32 26.79 0.54 -9.20
C ASP D 32 25.68 0.98 -10.15
N LEU D 33 25.39 0.14 -11.14
CA LEU D 33 24.37 0.41 -12.15
C LEU D 33 23.02 0.84 -11.55
N GLY D 34 22.64 0.16 -10.47
CA GLY D 34 21.41 0.43 -9.76
C GLY D 34 21.37 1.83 -9.21
N ASN D 35 22.47 2.25 -8.61
CA ASN D 35 22.55 3.59 -8.05
C ASN D 35 22.51 4.72 -9.10
N CYS D 36 23.06 4.47 -10.28
CA CYS D 36 22.98 5.40 -11.42
C CYS D 36 21.52 5.63 -11.88
N MET D 37 20.81 4.53 -12.09
CA MET D 37 19.37 4.59 -12.29
C MET D 37 18.60 5.41 -11.23
N ARG D 38 18.74 5.06 -9.95
CA ARG D 38 18.12 5.79 -8.85
C ARG D 38 18.44 7.27 -8.87
N THR D 39 19.65 7.60 -9.27
CA THR D 39 20.10 8.97 -9.41
C THR D 39 19.17 9.75 -10.32
N MET D 40 18.52 9.06 -11.25
CA MET D 40 17.55 9.72 -12.09
C MET D 40 16.09 9.39 -11.70
N GLY D 41 15.91 8.82 -10.52
CA GLY D 41 14.60 8.55 -9.99
C GLY D 41 13.97 7.21 -10.33
N TYR D 42 14.75 6.25 -10.77
CA TYR D 42 14.20 4.94 -11.10
C TYR D 42 14.66 3.88 -10.11
N MET D 43 13.72 3.02 -9.73
CA MET D 43 14.02 1.89 -8.88
C MET D 43 13.97 0.66 -9.74
N PRO D 44 15.12 0.03 -10.02
CA PRO D 44 15.18 -1.15 -10.87
C PRO D 44 14.96 -2.43 -10.09
N THR D 45 14.47 -3.49 -10.72
CA THR D 45 14.46 -4.81 -10.05
C THR D 45 15.87 -5.39 -10.17
N GLU D 46 16.15 -6.48 -9.46
CA GLU D 46 17.47 -7.10 -9.53
C GLU D 46 17.66 -7.82 -10.89
N MET D 47 16.61 -8.45 -11.36
CA MET D 47 16.59 -9.07 -12.64
C MET D 47 16.89 -8.02 -13.70
N GLU D 48 16.27 -6.85 -13.60
CA GLU D 48 16.55 -5.76 -14.53
C GLU D 48 18.05 -5.45 -14.58
N LEU D 49 18.65 -5.36 -13.39
CA LEU D 49 20.09 -5.09 -13.24
C LEU D 49 21.02 -6.12 -13.88
N ILE D 50 20.66 -7.40 -13.73
CA ILE D 50 21.36 -8.53 -14.35
C ILE D 50 21.35 -8.40 -15.86
N GLU D 51 20.16 -8.23 -16.43
CA GLU D 51 19.99 -8.03 -17.84
C GLU D 51 20.76 -6.81 -18.36
N LEU D 52 20.52 -5.64 -17.76
CA LEU D 52 21.22 -4.44 -18.23
C LEU D 52 22.75 -4.62 -18.28
N SER D 53 23.36 -5.10 -17.20
CA SER D 53 24.83 -5.20 -17.13
C SER D 53 25.37 -6.26 -18.10
N GLN D 54 24.74 -7.43 -18.06
CA GLN D 54 24.96 -8.53 -19.00
C GLN D 54 24.82 -8.08 -20.44
N GLN D 55 23.76 -7.33 -20.72
CA GLN D 55 23.55 -6.73 -22.02
C GLN D 55 24.74 -5.81 -22.31
N ILE D 56 24.98 -4.85 -21.43
CA ILE D 56 26.10 -3.92 -21.60
C ILE D 56 27.46 -4.62 -21.89
N ASN D 57 27.76 -5.71 -21.19
CA ASN D 57 29.00 -6.43 -21.44
C ASN D 57 28.95 -7.26 -22.72
N MET D 58 27.80 -7.88 -22.96
CA MET D 58 27.53 -8.60 -24.21
C MET D 58 27.79 -7.73 -25.41
N ASN D 59 27.12 -6.59 -25.46
CA ASN D 59 27.11 -5.74 -26.64
C ASN D 59 28.27 -4.76 -26.74
N LEU D 60 28.70 -4.21 -25.61
CA LEU D 60 29.62 -3.07 -25.58
C LEU D 60 30.85 -3.23 -24.65
N GLY D 61 30.79 -4.20 -23.75
CA GLY D 61 31.94 -4.53 -22.89
C GLY D 61 32.21 -3.55 -21.74
N GLY D 62 31.36 -2.55 -21.62
CA GLY D 62 31.60 -1.44 -20.69
C GLY D 62 32.43 -0.37 -21.39
N HIS D 63 32.03 -0.06 -22.62
CA HIS D 63 32.52 1.09 -23.39
C HIS D 63 31.31 1.98 -23.74
N VAL D 64 30.44 2.18 -22.74
CA VAL D 64 29.16 2.88 -22.88
C VAL D 64 29.34 4.39 -22.97
N ASP D 65 28.72 4.98 -23.98
CA ASP D 65 28.81 6.41 -24.18
C ASP D 65 27.43 7.06 -24.03
N PHE D 66 27.41 8.39 -23.91
CA PHE D 66 26.19 9.11 -23.64
C PHE D 66 24.92 8.71 -24.40
N ASP D 67 25.03 8.45 -25.69
CA ASP D 67 23.80 8.28 -26.46
C ASP D 67 23.21 6.87 -26.37
N ASP D 68 24.07 5.87 -26.13
CA ASP D 68 23.62 4.50 -25.81
C ASP D 68 23.07 4.49 -24.39
N PHE D 69 23.65 5.32 -23.52
CA PHE D 69 23.11 5.53 -22.18
C PHE D 69 21.68 6.05 -22.23
N VAL D 70 21.44 7.06 -23.07
CA VAL D 70 20.09 7.61 -23.28
C VAL D 70 19.18 6.56 -23.89
N GLU D 71 19.69 5.74 -24.79
CA GLU D 71 18.89 4.67 -25.39
C GLU D 71 18.52 3.61 -24.35
N LEU D 72 19.46 3.26 -23.49
CA LEU D 72 19.20 2.31 -22.42
C LEU D 72 18.38 2.87 -21.26
N MET D 73 18.64 4.10 -20.88
CA MET D 73 18.04 4.64 -19.65
C MET D 73 16.79 5.45 -19.91
N GLY D 74 16.78 6.21 -21.00
CA GLY D 74 15.55 6.89 -21.48
C GLY D 74 14.24 6.21 -21.09
N PRO D 75 13.98 5.00 -21.63
CA PRO D 75 12.77 4.21 -21.36
C PRO D 75 12.47 4.03 -19.89
N LYS D 76 13.52 3.80 -19.10
CA LYS D 76 13.36 3.61 -17.67
C LYS D 76 12.88 4.93 -17.05
N LEU D 77 13.55 6.03 -17.38
CA LEU D 77 13.14 7.35 -16.90
C LEU D 77 11.63 7.58 -17.12
N LEU D 78 11.20 7.26 -18.33
CA LEU D 78 9.82 7.42 -18.72
C LEU D 78 8.86 6.42 -18.07
N ALA D 79 9.37 5.33 -17.48
CA ALA D 79 8.51 4.42 -16.76
C ALA D 79 8.43 4.71 -15.26
N GLU D 80 8.92 5.86 -14.82
CA GLU D 80 8.80 6.17 -13.38
C GLU D 80 7.34 6.45 -12.93
N THR D 81 6.96 5.82 -11.83
CA THR D 81 5.59 5.87 -11.37
C THR D 81 5.57 6.86 -10.24
N ALA D 82 4.36 7.27 -9.84
CA ALA D 82 4.20 8.26 -8.78
C ALA D 82 4.96 7.83 -7.54
N ASP D 83 5.01 6.53 -7.29
CA ASP D 83 5.68 6.02 -6.07
C ASP D 83 7.21 6.07 -6.11
N MET D 84 7.78 6.19 -7.31
CA MET D 84 9.21 6.44 -7.49
C MET D 84 9.52 7.94 -7.39
N ILE D 85 8.64 8.77 -7.95
CA ILE D 85 8.80 10.20 -8.10
C ILE D 85 8.75 11.10 -6.85
N GLY D 86 7.84 10.82 -5.93
CA GLY D 86 7.85 11.61 -4.72
C GLY D 86 6.90 12.77 -4.87
N VAL D 87 6.51 13.35 -3.74
CA VAL D 87 5.36 14.21 -3.72
C VAL D 87 5.71 15.57 -4.31
N LYS D 88 6.83 16.14 -3.83
CA LYS D 88 7.37 17.40 -4.33
C LYS D 88 7.38 17.47 -5.84
N GLU D 89 7.92 16.45 -6.50
CA GLU D 89 8.02 16.40 -7.98
C GLU D 89 6.65 16.33 -8.62
N LEU D 90 5.79 15.53 -8.05
CA LEU D 90 4.44 15.36 -8.57
C LEU D 90 3.71 16.68 -8.54
N ARG D 91 3.89 17.41 -7.45
CA ARG D 91 3.26 18.70 -7.23
C ARG D 91 3.80 19.78 -8.21
N ASP D 92 5.10 19.69 -8.49
CA ASP D 92 5.74 20.44 -9.56
C ASP D 92 5.14 20.15 -10.93
N ALA D 93 5.07 18.88 -11.34
CA ALA D 93 4.43 18.55 -12.62
C ALA D 93 3.03 19.10 -12.61
N PHE D 94 2.30 18.88 -11.50
CA PHE D 94 0.93 19.28 -11.44
C PHE D 94 0.78 20.78 -11.72
N ARG D 95 1.71 21.56 -11.18
CA ARG D 95 1.72 23.02 -11.22
C ARG D 95 1.88 23.49 -12.69
N GLU D 96 2.70 22.78 -13.46
CA GLU D 96 2.89 23.08 -14.88
C GLU D 96 1.67 22.74 -15.73
N PHE D 97 0.83 21.81 -15.26
CA PHE D 97 -0.43 21.53 -15.92
C PHE D 97 -1.45 22.59 -15.54
N ASP D 98 -1.50 22.89 -14.23
CA ASP D 98 -2.44 23.86 -13.69
C ASP D 98 -1.88 25.29 -13.82
N THR D 99 -2.01 25.85 -15.02
CA THR D 99 -1.41 27.14 -15.37
C THR D 99 -1.98 28.36 -14.65
N ASN D 100 -3.28 28.33 -14.33
CA ASN D 100 -3.90 29.46 -13.61
C ASN D 100 -3.85 29.27 -12.08
N GLY D 101 -3.09 28.26 -11.65
CA GLY D 101 -2.84 27.96 -10.24
C GLY D 101 -4.04 27.78 -9.31
N ASP D 102 -5.22 27.54 -9.87
CA ASP D 102 -6.43 27.40 -9.05
C ASP D 102 -6.48 26.09 -8.24
N GLY D 103 -5.63 25.13 -8.57
CA GLY D 103 -5.51 23.88 -7.81
C GLY D 103 -6.26 22.73 -8.46
N GLU D 104 -6.68 22.93 -9.70
CA GLU D 104 -7.42 21.95 -10.48
C GLU D 104 -7.03 22.04 -11.97
N ILE D 105 -7.06 20.92 -12.69
CA ILE D 105 -6.66 20.95 -14.11
C ILE D 105 -7.90 20.85 -14.97
N SER D 106 -8.17 21.93 -15.71
CA SER D 106 -9.31 22.00 -16.63
C SER D 106 -9.02 21.33 -17.98
N THR D 107 -10.04 21.17 -18.82
CA THR D 107 -9.85 20.56 -20.14
C THR D 107 -8.86 21.34 -21.00
N SER D 108 -9.01 22.67 -21.07
CA SER D 108 -8.09 23.53 -21.85
C SER D 108 -6.65 23.46 -21.36
N GLU D 109 -6.47 23.40 -20.04
CA GLU D 109 -5.14 23.29 -19.44
C GLU D 109 -4.52 21.96 -19.81
N LEU D 110 -5.34 20.91 -19.77
CA LEU D 110 -4.89 19.58 -20.08
C LEU D 110 -4.60 19.46 -21.57
N ARG D 111 -5.44 20.12 -22.38
CA ARG D 111 -5.21 20.25 -23.83
C ARG D 111 -3.85 20.90 -24.13
N GLU D 112 -3.53 21.98 -23.42
CA GLU D 112 -2.19 22.59 -23.51
C GLU D 112 -1.03 21.71 -23.05
N ALA D 113 -1.16 21.10 -21.87
CA ALA D 113 -0.08 20.27 -21.36
C ALA D 113 0.22 19.09 -22.30
N MET D 114 -0.82 18.42 -22.80
CA MET D 114 -0.66 17.32 -23.75
C MET D 114 0.06 17.83 -25.02
N ARG D 115 -0.32 19.03 -25.48
CA ARG D 115 0.31 19.71 -26.63
C ARG D 115 1.83 19.87 -26.48
N ALA D 116 2.28 20.04 -25.25
CA ALA D 116 3.70 20.17 -24.95
C ALA D 116 4.39 18.80 -24.78
N LEU D 117 3.77 17.87 -24.04
CA LEU D 117 4.39 16.56 -23.82
C LEU D 117 4.55 15.75 -25.11
N LEU D 118 3.50 15.72 -25.92
CA LEU D 118 3.40 14.81 -27.04
C LEU D 118 4.01 15.42 -28.30
N GLY D 119 4.32 16.71 -28.23
CA GLY D 119 4.97 17.44 -29.31
C GLY D 119 4.05 17.79 -30.47
N HIS D 120 2.75 17.74 -30.22
CA HIS D 120 1.77 17.97 -31.28
C HIS D 120 0.39 18.25 -30.70
N GLN D 121 -0.52 18.69 -31.57
CA GLN D 121 -1.89 19.01 -31.16
C GLN D 121 -2.77 17.78 -30.92
N VAL D 122 -3.31 17.70 -29.70
CA VAL D 122 -4.22 16.62 -29.29
C VAL D 122 -5.67 16.99 -29.60
N GLY D 123 -6.39 16.11 -30.29
CA GLY D 123 -7.80 16.32 -30.61
C GLY D 123 -8.65 16.68 -29.40
N HIS D 124 -9.79 17.34 -29.64
CA HIS D 124 -10.68 17.77 -28.56
C HIS D 124 -11.48 16.60 -27.99
N ARG D 125 -11.76 15.61 -28.83
CA ARG D 125 -12.39 14.36 -28.42
C ARG D 125 -11.47 13.58 -27.48
N ASP D 126 -10.18 13.52 -27.84
CA ASP D 126 -9.17 12.85 -27.03
C ASP D 126 -9.10 13.45 -25.62
N ILE D 127 -9.11 14.78 -25.53
CA ILE D 127 -9.06 15.48 -24.23
C ILE D 127 -10.24 15.14 -23.33
N GLU D 128 -11.45 15.15 -23.90
CA GLU D 128 -12.67 14.78 -23.16
C GLU D 128 -12.63 13.31 -22.69
N GLU D 129 -12.15 12.43 -23.57
CA GLU D 129 -11.91 11.02 -23.25
C GLU D 129 -10.96 10.88 -22.04
N ILE D 130 -9.82 11.57 -22.10
CA ILE D 130 -8.83 11.60 -21.02
C ILE D 130 -9.46 12.05 -19.71
N ILE D 131 -10.11 13.22 -19.74
CA ILE D 131 -10.80 13.78 -18.57
C ILE D 131 -11.80 12.77 -17.98
N ARG D 132 -12.52 12.07 -18.85
CA ARG D 132 -13.51 11.07 -18.43
C ARG D 132 -12.85 9.93 -17.65
N ASP D 133 -11.79 9.36 -18.23
CA ASP D 133 -11.06 8.24 -17.63
C ASP D 133 -10.41 8.60 -16.30
N VAL D 134 -10.13 9.88 -16.12
CA VAL D 134 -9.20 10.36 -15.11
C VAL D 134 -9.89 11.04 -13.94
N ASP D 135 -11.00 11.71 -14.23
CA ASP D 135 -11.74 12.50 -13.27
C ASP D 135 -12.68 11.59 -12.49
N LEU D 136 -12.34 11.35 -11.22
CA LEU D 136 -13.15 10.56 -10.30
C LEU D 136 -14.51 11.20 -10.04
N ASN D 137 -14.44 12.35 -9.37
CA ASN D 137 -15.60 13.02 -8.79
C ASN D 137 -16.47 13.82 -9.77
N GLY D 138 -16.21 13.62 -11.08
CA GLY D 138 -17.09 14.14 -12.13
C GLY D 138 -17.34 15.64 -12.11
N ASP D 139 -16.44 16.38 -11.46
CA ASP D 139 -16.50 17.83 -11.49
C ASP D 139 -15.86 18.36 -12.78
N GLY D 140 -15.48 17.44 -13.67
CA GLY D 140 -14.92 17.78 -14.98
C GLY D 140 -13.52 18.38 -14.95
N ARG D 141 -12.93 18.40 -13.75
CA ARG D 141 -11.56 18.88 -13.55
C ARG D 141 -10.73 17.82 -12.81
N VAL D 142 -9.41 17.92 -12.92
CA VAL D 142 -8.47 16.92 -12.36
C VAL D 142 -7.73 17.50 -11.13
N ASP D 143 -7.96 16.92 -9.94
CA ASP D 143 -7.25 17.42 -8.76
C ASP D 143 -5.93 16.67 -8.60
N PHE D 144 -5.16 17.10 -7.61
CA PHE D 144 -3.86 16.51 -7.38
C PHE D 144 -3.89 14.97 -7.33
N GLU D 145 -4.87 14.45 -6.60
CA GLU D 145 -5.08 13.03 -6.35
C GLU D 145 -5.37 12.24 -7.64
N GLU D 146 -6.23 12.80 -8.48
CA GLU D 146 -6.51 12.21 -9.79
C GLU D 146 -5.30 12.32 -10.70
N PHE D 147 -4.45 13.32 -10.44
CA PHE D 147 -3.28 13.55 -11.26
C PHE D 147 -2.26 12.47 -10.93
N VAL D 148 -1.99 12.30 -9.64
CA VAL D 148 -1.12 11.23 -9.17
C VAL D 148 -1.64 9.88 -9.70
N ARG D 149 -2.95 9.76 -9.78
CA ARG D 149 -3.58 8.52 -10.14
C ARG D 149 -3.30 8.18 -11.59
N MET D 150 -3.26 9.19 -12.47
CA MET D 150 -2.75 9.10 -13.85
C MET D 150 -1.35 8.49 -14.05
N MET D 151 -0.46 8.64 -13.05
CA MET D 151 0.90 8.09 -13.12
C MET D 151 1.08 6.88 -12.23
N SER D 152 -0.02 6.23 -11.88
CA SER D 152 0.03 5.01 -11.10
C SER D 152 -0.52 3.83 -11.89
N ARG D 153 -0.15 2.63 -11.45
CA ARG D 153 -0.66 1.42 -12.05
C ARG D 153 -1.84 0.90 -11.24
N MET E 1 15.67 -3.30 -25.97
CA MET E 1 15.07 -4.05 -24.82
C MET E 1 16.15 -4.67 -23.93
N ASP E 2 15.83 -4.80 -22.63
CA ASP E 2 16.76 -5.34 -21.64
C ASP E 2 17.34 -6.68 -22.07
N ARG E 3 16.49 -7.55 -22.62
CA ARG E 3 16.92 -8.85 -23.08
C ARG E 3 16.03 -9.32 -24.23
N SER E 4 16.45 -10.37 -24.93
CA SER E 4 15.66 -11.02 -25.99
C SER E 4 14.34 -11.58 -25.49
N LEU E 5 13.35 -11.59 -26.38
CA LEU E 5 12.06 -12.16 -26.05
C LEU E 5 12.06 -13.66 -26.29
N ARG E 6 11.50 -14.39 -25.34
CA ARG E 6 11.37 -15.84 -25.44
C ARG E 6 10.04 -16.21 -26.12
N PRO E 7 9.96 -17.42 -26.73
CA PRO E 7 8.77 -17.76 -27.52
C PRO E 7 7.48 -17.74 -26.70
N GLU E 8 7.54 -18.12 -25.43
CA GLU E 8 6.46 -17.91 -24.43
C GLU E 8 5.89 -16.48 -24.47
N GLU E 9 6.76 -15.53 -24.76
CA GLU E 9 6.44 -14.11 -24.64
C GLU E 9 5.95 -13.49 -25.96
N ILE E 10 6.62 -13.85 -27.05
CA ILE E 10 6.17 -13.48 -28.39
C ILE E 10 4.75 -13.99 -28.66
N GLU E 11 4.40 -15.13 -28.08
CA GLU E 11 3.04 -15.68 -28.19
C GLU E 11 1.97 -14.78 -27.55
N GLU E 12 2.18 -14.35 -26.31
CA GLU E 12 1.20 -13.43 -25.75
C GLU E 12 1.17 -12.06 -26.46
N LEU E 13 2.30 -11.64 -27.01
CA LEU E 13 2.32 -10.44 -27.84
C LEU E 13 1.44 -10.62 -29.08
N ARG E 14 1.47 -11.80 -29.69
CA ARG E 14 0.55 -12.09 -30.82
C ARG E 14 -0.93 -12.22 -30.39
N GLU E 15 -1.19 -12.68 -29.17
CA GLU E 15 -2.55 -12.58 -28.63
C GLU E 15 -3.03 -11.13 -28.48
N ALA E 16 -2.14 -10.28 -27.98
CA ALA E 16 -2.52 -8.89 -27.74
C ALA E 16 -2.57 -8.15 -29.07
N PHE E 17 -1.67 -8.50 -29.99
CA PHE E 17 -1.67 -7.87 -31.29
C PHE E 17 -3.00 -8.15 -31.97
N ARG E 18 -3.51 -9.38 -31.83
CA ARG E 18 -4.78 -9.82 -32.45
C ARG E 18 -6.00 -9.16 -31.81
N GLU E 19 -5.94 -8.91 -30.53
CA GLU E 19 -7.02 -8.16 -29.90
C GLU E 19 -6.96 -6.67 -30.32
N PHE E 20 -5.75 -6.14 -30.31
CA PHE E 20 -5.43 -4.77 -30.71
C PHE E 20 -5.93 -4.47 -32.12
N ASP E 21 -5.60 -5.37 -33.06
CA ASP E 21 -5.80 -5.12 -34.47
C ASP E 21 -7.26 -5.32 -34.84
N LYS E 22 -7.95 -6.14 -34.04
CA LYS E 22 -9.39 -6.30 -34.16
C LYS E 22 -10.12 -5.04 -33.70
N ASP E 23 -9.72 -4.50 -32.56
CA ASP E 23 -10.27 -3.22 -32.05
C ASP E 23 -9.78 -1.96 -32.81
N LYS E 24 -8.62 -2.02 -33.49
CA LYS E 24 -8.10 -0.86 -34.24
C LYS E 24 -8.71 -0.76 -35.63
N TYR E 27 -8.18 3.97 -35.80
CA TYR E 27 -7.48 4.53 -34.63
C TYR E 27 -7.88 3.83 -33.32
N ILE E 28 -6.87 3.44 -32.55
CA ILE E 28 -7.09 2.73 -31.27
C ILE E 28 -7.54 3.60 -30.08
N ASN E 29 -8.49 3.03 -29.34
CA ASN E 29 -9.06 3.51 -28.10
C ASN E 29 -8.11 3.29 -26.95
N CYS E 30 -8.08 4.22 -26.01
CA CYS E 30 -7.33 4.02 -24.76
C CYS E 30 -7.78 2.77 -23.98
N ARG E 31 -9.10 2.57 -23.87
CA ARG E 31 -9.68 1.36 -23.30
C ARG E 31 -9.26 0.08 -24.06
N ASP E 32 -9.60 0.02 -25.33
CA ASP E 32 -9.15 -1.09 -26.18
C ASP E 32 -7.65 -1.36 -26.03
N LEU E 33 -6.87 -0.29 -25.85
CA LEU E 33 -5.42 -0.42 -25.75
C LEU E 33 -4.98 -1.01 -24.43
N GLY E 34 -5.56 -0.50 -23.33
CA GLY E 34 -5.19 -0.90 -21.97
C GLY E 34 -5.52 -2.38 -21.80
N ASN E 35 -6.63 -2.77 -22.43
CA ASN E 35 -7.10 -4.13 -22.32
C ASN E 35 -6.21 -5.11 -23.02
N CYS E 36 -5.61 -4.67 -24.16
CA CYS E 36 -4.73 -5.53 -24.93
CA CYS E 36 -4.72 -5.51 -24.94
C CYS E 36 -3.44 -5.73 -24.15
N MET E 37 -2.86 -4.66 -23.65
CA MET E 37 -1.67 -4.86 -22.82
C MET E 37 -1.95 -5.71 -21.56
N ARG E 38 -3.18 -5.69 -21.03
CA ARG E 38 -3.54 -6.56 -19.90
C ARG E 38 -3.47 -8.04 -20.28
N THR E 39 -3.78 -8.28 -21.55
CA THR E 39 -3.85 -9.61 -22.11
C THR E 39 -2.46 -10.24 -22.04
N MET E 40 -1.45 -9.38 -22.16
CA MET E 40 -0.08 -9.85 -21.97
C MET E 40 0.40 -9.62 -20.55
N GLY E 41 -0.52 -9.32 -19.63
CA GLY E 41 -0.20 -9.28 -18.19
C GLY E 41 0.40 -7.99 -17.66
N TYR E 42 0.06 -6.86 -18.28
CA TYR E 42 0.68 -5.57 -17.96
C TYR E 42 -0.37 -4.54 -17.49
N MET E 43 -0.03 -3.80 -16.43
CA MET E 43 -0.97 -2.84 -15.96
C MET E 43 -0.45 -1.44 -16.27
N PRO E 44 -1.03 -0.78 -17.27
CA PRO E 44 -0.46 0.50 -17.71
C PRO E 44 -0.98 1.65 -16.89
N THR E 45 -0.24 2.76 -16.85
CA THR E 45 -0.81 4.03 -16.33
C THR E 45 -1.68 4.73 -17.39
N GLU E 46 -2.55 5.62 -16.94
CA GLU E 46 -3.37 6.38 -17.89
C GLU E 46 -2.45 7.17 -18.87
N MET E 47 -1.36 7.70 -18.32
CA MET E 47 -0.38 8.50 -19.03
C MET E 47 0.32 7.70 -20.12
N GLU E 48 0.62 6.44 -19.79
CA GLU E 48 1.18 5.50 -20.73
C GLU E 48 0.20 5.27 -21.85
N LEU E 49 -1.07 5.05 -21.50
CA LEU E 49 -2.08 4.87 -22.51
C LEU E 49 -2.17 6.08 -23.44
N ILE E 50 -2.23 7.29 -22.84
CA ILE E 50 -2.24 8.51 -23.66
C ILE E 50 -1.09 8.53 -24.66
N GLU E 51 0.14 8.32 -24.17
CA GLU E 51 1.35 8.37 -24.98
C GLU E 51 1.41 7.27 -26.04
N LEU E 52 0.98 6.05 -25.67
CA LEU E 52 1.01 4.91 -26.57
C LEU E 52 0.04 5.07 -27.68
N SER E 53 -1.20 5.39 -27.31
CA SER E 53 -2.21 5.64 -28.34
C SER E 53 -1.87 6.81 -29.27
N GLN E 54 -1.17 7.83 -28.76
CA GLN E 54 -0.72 8.94 -29.60
C GLN E 54 0.37 8.51 -30.62
N GLN E 55 1.30 7.65 -30.16
CA GLN E 55 2.27 6.98 -31.04
C GLN E 55 1.59 6.11 -32.10
N ILE E 56 0.60 5.32 -31.69
CA ILE E 56 -0.23 4.47 -32.56
C ILE E 56 -1.08 5.35 -33.51
N ASN E 57 -1.87 6.27 -32.95
CA ASN E 57 -2.79 7.08 -33.77
C ASN E 57 -2.17 8.16 -34.64
N MET E 58 -1.18 8.87 -34.11
CA MET E 58 -0.62 10.06 -34.76
C MET E 58 0.65 9.74 -35.50
N ASN E 59 1.66 9.22 -34.79
CA ASN E 59 2.96 8.91 -35.40
C ASN E 59 2.85 7.79 -36.45
N LEU E 60 2.15 6.70 -36.10
CA LEU E 60 2.00 5.56 -37.00
C LEU E 60 0.80 5.68 -37.92
N GLY E 61 0.02 6.74 -37.70
CA GLY E 61 -1.27 6.93 -38.36
C GLY E 61 -2.21 5.76 -38.15
N GLY E 62 -2.18 5.18 -36.95
CA GLY E 62 -2.89 3.91 -36.69
C GLY E 62 -2.51 2.72 -37.57
N HIS E 63 -1.50 2.87 -38.41
CA HIS E 63 -0.95 1.77 -39.23
C HIS E 63 0.05 0.95 -38.43
N VAL E 64 -0.35 -0.26 -38.10
CA VAL E 64 0.38 -1.06 -37.14
C VAL E 64 0.44 -2.52 -37.58
N ASP E 65 1.66 -3.02 -37.79
CA ASP E 65 1.84 -4.45 -38.08
C ASP E 65 2.46 -5.08 -36.82
N PHE E 66 2.72 -6.39 -36.84
CA PHE E 66 3.28 -7.06 -35.66
C PHE E 66 4.62 -6.48 -35.20
N ASP E 67 5.46 -6.06 -36.14
CA ASP E 67 6.76 -5.47 -35.80
C ASP E 67 6.73 -4.13 -35.05
N ASP E 68 5.75 -3.28 -35.35
CA ASP E 68 5.53 -2.04 -34.60
C ASP E 68 5.06 -2.33 -33.17
N PHE E 69 4.38 -3.48 -33.01
CA PHE E 69 3.73 -3.88 -31.77
C PHE E 69 4.75 -4.45 -30.81
N VAL E 70 5.56 -5.41 -31.27
CA VAL E 70 6.61 -6.00 -30.42
C VAL E 70 7.54 -4.87 -29.90
N GLU E 71 7.92 -3.92 -30.78
CA GLU E 71 8.86 -2.85 -30.40
C GLU E 71 8.20 -1.86 -29.42
N LEU E 72 6.88 -1.78 -29.50
CA LEU E 72 6.14 -0.95 -28.57
C LEU E 72 5.84 -1.65 -27.24
N MET E 73 5.59 -2.95 -27.28
CA MET E 73 5.04 -3.65 -26.15
C MET E 73 6.00 -4.59 -25.45
N GLY E 74 6.94 -5.14 -26.21
CA GLY E 74 8.03 -5.96 -25.65
C GLY E 74 8.63 -5.40 -24.36
N PRO E 75 9.01 -4.11 -24.37
CA PRO E 75 9.58 -3.45 -23.20
C PRO E 75 8.62 -3.37 -22.04
N LYS E 76 7.33 -3.34 -22.35
CA LYS E 76 6.28 -3.38 -21.33
C LYS E 76 6.21 -4.79 -20.76
N LEU E 77 6.16 -5.78 -21.63
CA LEU E 77 6.09 -7.16 -21.18
C LEU E 77 7.26 -7.49 -20.27
N LEU E 78 8.45 -7.03 -20.63
CA LEU E 78 9.62 -7.24 -19.78
C LEU E 78 9.58 -6.51 -18.42
N ALA E 79 8.89 -5.38 -18.34
CA ALA E 79 8.87 -4.61 -17.11
C ALA E 79 7.74 -5.08 -16.15
N GLU E 80 7.35 -6.33 -16.29
CA GLU E 80 6.28 -6.87 -15.48
C GLU E 80 6.80 -7.35 -14.15
N THR E 81 6.24 -6.81 -13.07
CA THR E 81 6.67 -7.12 -11.71
C THR E 81 5.92 -8.34 -11.11
N ALA E 82 6.41 -8.85 -9.97
CA ALA E 82 5.71 -9.88 -9.22
C ALA E 82 4.25 -9.52 -8.87
N ASP E 83 3.97 -8.24 -8.59
CA ASP E 83 2.58 -7.82 -8.34
C ASP E 83 1.64 -7.79 -9.57
N MET E 84 2.21 -7.85 -10.78
CA MET E 84 1.43 -7.99 -12.02
C MET E 84 1.27 -9.45 -12.35
N ILE E 85 2.22 -10.24 -11.88
CA ILE E 85 2.38 -11.60 -12.35
C ILE E 85 1.52 -12.63 -11.61
N GLY E 119 21.01 -15.81 -22.33
CA GLY E 119 21.46 -15.74 -23.72
C GLY E 119 22.96 -15.96 -23.87
N HIS E 120 23.67 -15.87 -22.75
CA HIS E 120 25.11 -16.12 -22.68
C HIS E 120 25.42 -16.59 -21.26
N GLN E 121 26.62 -17.11 -21.04
CA GLN E 121 27.03 -17.53 -19.70
C GLN E 121 27.37 -16.31 -18.81
N VAL E 122 27.25 -16.51 -17.51
CA VAL E 122 27.46 -15.43 -16.54
C VAL E 122 28.68 -15.80 -15.69
N GLY E 123 29.53 -14.81 -15.42
CA GLY E 123 30.73 -15.01 -14.61
C GLY E 123 30.43 -15.52 -13.20
N HIS E 124 31.42 -16.18 -12.59
CA HIS E 124 31.22 -16.80 -11.29
C HIS E 124 31.15 -15.79 -10.12
N ARG E 125 31.90 -14.68 -10.20
CA ARG E 125 31.73 -13.58 -9.23
C ARG E 125 30.43 -12.83 -9.48
N ASP E 126 29.95 -12.87 -10.72
CA ASP E 126 28.64 -12.29 -11.02
C ASP E 126 27.56 -13.04 -10.26
N ILE E 127 27.61 -14.37 -10.29
CA ILE E 127 26.63 -15.19 -9.58
C ILE E 127 26.74 -15.00 -8.06
N GLU E 128 27.98 -15.02 -7.56
CA GLU E 128 28.28 -14.69 -6.14
C GLU E 128 27.75 -13.32 -5.73
N GLU E 129 27.86 -12.35 -6.63
CA GLU E 129 27.33 -11.01 -6.37
C GLU E 129 25.81 -11.06 -6.34
N ILE E 130 25.20 -11.70 -7.33
CA ILE E 130 23.75 -11.85 -7.36
C ILE E 130 23.22 -12.48 -6.06
N ILE E 131 23.75 -13.66 -5.73
CA ILE E 131 23.32 -14.39 -4.54
C ILE E 131 23.37 -13.46 -3.32
N ARG E 132 24.50 -12.77 -3.16
CA ARG E 132 24.68 -11.83 -2.05
C ARG E 132 23.56 -10.79 -1.93
N ASP E 133 23.22 -10.15 -3.04
CA ASP E 133 22.22 -9.08 -3.08
C ASP E 133 20.81 -9.60 -2.80
N VAL E 134 20.59 -10.85 -3.15
CA VAL E 134 19.25 -11.44 -3.17
C VAL E 134 18.89 -12.27 -1.92
N ASP E 135 19.89 -12.89 -1.29
CA ASP E 135 19.69 -13.84 -0.18
C ASP E 135 19.76 -13.14 1.19
N LEU E 136 18.61 -12.97 1.86
CA LEU E 136 18.60 -12.18 3.11
C LEU E 136 18.60 -13.02 4.43
N ASN E 137 18.41 -14.33 4.31
CA ASN E 137 18.63 -15.21 5.47
C ASN E 137 19.97 -15.96 5.43
N GLY E 138 20.86 -15.57 4.52
CA GLY E 138 22.25 -16.01 4.53
C GLY E 138 22.52 -17.50 4.42
N ASP E 139 21.51 -18.27 4.01
CA ASP E 139 21.69 -19.70 3.80
C ASP E 139 22.30 -20.02 2.41
N GLY E 140 22.68 -18.98 1.67
CA GLY E 140 23.34 -19.14 0.38
C GLY E 140 22.47 -19.68 -0.75
N ARG E 141 21.18 -19.83 -0.45
CA ARG E 141 20.19 -20.27 -1.44
C ARG E 141 19.02 -19.27 -1.52
N VAL E 142 18.25 -19.35 -2.60
CA VAL E 142 17.15 -18.41 -2.83
C VAL E 142 15.79 -19.11 -2.70
N ASP E 143 14.99 -18.71 -1.72
CA ASP E 143 13.66 -19.28 -1.53
C ASP E 143 12.60 -18.44 -2.20
N PHE E 144 11.38 -18.97 -2.26
CA PHE E 144 10.33 -18.33 -3.03
C PHE E 144 10.24 -16.82 -2.78
N GLU E 145 10.28 -16.44 -1.51
CA GLU E 145 10.13 -15.06 -1.08
C GLU E 145 11.23 -14.16 -1.63
N GLU E 146 12.46 -14.66 -1.55
CA GLU E 146 13.61 -13.94 -2.06
C GLU E 146 13.59 -13.82 -3.58
N PHE E 147 13.07 -14.85 -4.21
CA PHE E 147 12.89 -14.89 -5.64
C PHE E 147 11.90 -13.81 -6.03
N VAL E 148 10.80 -13.77 -5.30
CA VAL E 148 9.75 -12.79 -5.56
C VAL E 148 10.30 -11.37 -5.48
N ARG E 149 11.18 -11.13 -4.51
CA ARG E 149 11.82 -9.81 -4.37
C ARG E 149 12.86 -9.50 -5.47
N MET E 150 13.37 -10.54 -6.13
CA MET E 150 14.22 -10.34 -7.30
C MET E 150 13.48 -9.66 -8.44
N MET E 151 12.15 -9.84 -8.45
CA MET E 151 11.25 -9.26 -9.45
C MET E 151 10.29 -8.19 -8.96
N SER E 152 10.59 -7.58 -7.81
CA SER E 152 9.79 -6.51 -7.24
C SER E 152 10.67 -5.27 -7.16
N ARG E 153 10.06 -4.09 -7.04
CA ARG E 153 10.84 -2.87 -6.85
C ARG E 153 11.00 -2.55 -5.36
N MET F 1 -18.98 -22.68 3.74
CA MET F 1 -18.47 -21.85 2.60
C MET F 1 -19.48 -20.80 2.19
N ASP F 2 -18.99 -19.63 1.79
CA ASP F 2 -19.86 -18.53 1.41
C ASP F 2 -20.68 -18.72 0.13
N ARG F 3 -20.29 -19.69 -0.69
CA ARG F 3 -21.07 -20.09 -1.84
C ARG F 3 -20.60 -21.45 -2.30
N SER F 4 -21.38 -22.08 -3.18
CA SER F 4 -21.00 -23.32 -3.84
C SER F 4 -19.78 -23.15 -4.73
N LEU F 5 -18.90 -24.14 -4.70
CA LEU F 5 -17.77 -24.20 -5.63
C LEU F 5 -18.21 -24.65 -7.02
N ARG F 6 -17.73 -23.92 -8.01
CA ARG F 6 -17.97 -24.23 -9.42
C ARG F 6 -17.01 -25.32 -9.95
N PRO F 7 -17.34 -25.93 -11.12
CA PRO F 7 -16.54 -27.06 -11.61
C PRO F 7 -15.05 -26.75 -11.86
N GLU F 8 -14.74 -25.66 -12.56
CA GLU F 8 -13.35 -25.16 -12.64
C GLU F 8 -12.67 -25.11 -11.26
N GLU F 9 -13.40 -24.67 -10.25
CA GLU F 9 -12.83 -24.56 -8.91
C GLU F 9 -12.59 -25.91 -8.25
N ILE F 10 -13.44 -26.89 -8.58
CA ILE F 10 -13.28 -28.25 -8.10
C ILE F 10 -12.09 -28.89 -8.81
N GLU F 11 -11.84 -28.44 -10.03
CA GLU F 11 -10.67 -28.90 -10.80
C GLU F 11 -9.35 -28.56 -10.14
N GLU F 12 -9.17 -27.28 -9.78
CA GLU F 12 -7.89 -26.87 -9.21
C GLU F 12 -7.65 -27.41 -7.80
N LEU F 13 -8.72 -27.63 -7.05
CA LEU F 13 -8.63 -28.33 -5.76
C LEU F 13 -8.16 -29.76 -5.95
N ARG F 14 -8.65 -30.42 -7.03
CA ARG F 14 -8.22 -31.77 -7.40
CA ARG F 14 -8.21 -31.76 -7.40
C ARG F 14 -6.73 -31.78 -7.74
N GLU F 15 -6.27 -30.78 -8.46
CA GLU F 15 -4.85 -30.65 -8.80
C GLU F 15 -4.02 -30.50 -7.54
N ALA F 16 -4.45 -29.62 -6.65
CA ALA F 16 -3.77 -29.40 -5.37
C ALA F 16 -3.81 -30.67 -4.52
N PHE F 17 -4.94 -31.37 -4.54
CA PHE F 17 -5.08 -32.62 -3.80
C PHE F 17 -4.08 -33.69 -4.24
N ARG F 18 -3.92 -33.86 -5.55
CA ARG F 18 -2.96 -34.83 -6.10
C ARG F 18 -1.54 -34.56 -5.60
N GLU F 19 -1.10 -33.30 -5.76
CA GLU F 19 0.20 -32.86 -5.28
C GLU F 19 0.33 -33.15 -3.77
N PHE F 20 -0.68 -32.71 -3.02
CA PHE F 20 -0.80 -32.95 -1.59
C PHE F 20 -0.65 -34.45 -1.29
N ASP F 21 -1.44 -35.27 -1.97
CA ASP F 21 -1.48 -36.70 -1.70
C ASP F 21 -0.19 -37.41 -2.14
N LYS F 22 0.55 -36.79 -3.05
CA LYS F 22 1.83 -37.33 -3.48
C LYS F 22 2.93 -36.83 -2.54
N ILE F 28 2.23 -34.33 6.34
CA ILE F 28 2.52 -33.18 5.49
C ILE F 28 3.27 -32.08 6.25
N ASN F 29 4.19 -31.39 5.56
CA ASN F 29 4.99 -30.32 6.15
C ASN F 29 4.52 -28.90 5.81
N CYS F 30 4.94 -27.91 6.59
CA CYS F 30 4.61 -26.52 6.32
C CYS F 30 5.12 -26.09 4.93
N ARG F 31 6.33 -26.57 4.60
CA ARG F 31 6.99 -26.27 3.33
C ARG F 31 6.09 -26.56 2.11
N ASP F 32 5.62 -27.79 2.00
CA ASP F 32 4.83 -28.19 0.83
C ASP F 32 3.35 -27.88 0.92
N LEU F 33 2.81 -27.89 2.14
CA LEU F 33 1.41 -27.46 2.33
C LEU F 33 1.24 -26.11 1.65
N GLY F 34 2.15 -25.19 1.95
CA GLY F 34 2.16 -23.86 1.32
C GLY F 34 2.21 -23.95 -0.19
N ASN F 35 3.14 -24.76 -0.71
CA ASN F 35 3.27 -24.90 -2.15
C ASN F 35 2.03 -25.49 -2.81
N CYS F 36 1.43 -26.50 -2.19
CA CYS F 36 0.16 -27.04 -2.65
C CYS F 36 -0.96 -25.97 -2.67
N MET F 37 -1.01 -25.12 -1.65
CA MET F 37 -2.01 -24.04 -1.63
C MET F 37 -1.77 -23.00 -2.73
N ARG F 38 -0.50 -22.69 -2.99
CA ARG F 38 -0.15 -21.75 -4.04
C ARG F 38 -0.48 -22.34 -5.42
N THR F 39 -0.37 -23.65 -5.54
CA THR F 39 -0.80 -24.36 -6.73
C THR F 39 -2.23 -23.97 -7.09
N MET F 40 -3.07 -23.79 -6.07
CA MET F 40 -4.43 -23.33 -6.33
C MET F 40 -4.58 -21.81 -6.32
N GLY F 41 -3.45 -21.11 -6.24
CA GLY F 41 -3.44 -19.65 -6.34
C GLY F 41 -3.63 -18.90 -5.03
N TYR F 42 -3.27 -19.51 -3.91
CA TYR F 42 -3.46 -18.90 -2.62
C TYR F 42 -2.14 -18.55 -1.93
N MET F 43 -2.04 -17.31 -1.40
CA MET F 43 -0.87 -16.83 -0.63
C MET F 43 -1.21 -16.95 0.87
N PRO F 44 -0.76 -18.05 1.53
CA PRO F 44 -1.11 -18.28 2.92
C PRO F 44 -0.16 -17.60 3.92
N THR F 45 -0.62 -17.31 5.13
CA THR F 45 0.32 -16.81 6.16
C THR F 45 0.96 -18.01 6.83
N GLU F 46 2.07 -17.80 7.52
CA GLU F 46 2.72 -18.88 8.25
C GLU F 46 1.81 -19.48 9.33
N MET F 47 1.12 -18.62 10.06
CA MET F 47 0.16 -19.03 11.07
C MET F 47 -0.95 -19.91 10.50
N GLU F 48 -1.37 -19.64 9.26
CA GLU F 48 -2.40 -20.45 8.60
C GLU F 48 -1.82 -21.83 8.36
N LEU F 49 -0.55 -21.85 7.96
CA LEU F 49 0.13 -23.09 7.72
C LEU F 49 0.22 -23.88 9.00
N ILE F 50 0.52 -23.19 10.11
CA ILE F 50 0.67 -23.89 11.36
C ILE F 50 -0.66 -24.55 11.71
N GLU F 51 -1.76 -23.81 11.61
CA GLU F 51 -3.08 -24.32 11.98
C GLU F 51 -3.59 -25.48 11.12
N LEU F 52 -3.44 -25.36 9.81
CA LEU F 52 -3.88 -26.42 8.91
C LEU F 52 -3.11 -27.71 9.08
N SER F 53 -1.80 -27.61 9.25
CA SER F 53 -1.02 -28.82 9.43
C SER F 53 -1.38 -29.54 10.73
N GLN F 54 -1.80 -28.79 11.73
CA GLN F 54 -2.12 -29.39 13.02
C GLN F 54 -3.50 -30.05 13.03
N GLN F 55 -4.40 -29.48 12.24
CA GLN F 55 -5.72 -30.06 12.06
C GLN F 55 -5.64 -31.29 11.18
N ILE F 56 -4.68 -31.33 10.26
CA ILE F 56 -4.52 -32.47 9.35
C ILE F 56 -3.79 -33.65 10.02
N ASN F 57 -2.57 -33.42 10.49
CA ASN F 57 -1.71 -34.48 11.04
C ASN F 57 -2.09 -34.95 12.45
N MET F 58 -2.56 -34.01 13.29
CA MET F 58 -2.99 -34.31 14.66
C MET F 58 -4.45 -34.68 14.96
N ASN F 59 -5.39 -33.95 14.36
CA ASN F 59 -6.84 -34.25 14.46
C ASN F 59 -7.30 -35.35 13.50
N LEU F 60 -6.61 -35.52 12.38
CA LEU F 60 -7.04 -36.47 11.36
C LEU F 60 -5.93 -37.40 10.87
N GLY F 61 -4.80 -37.42 11.58
CA GLY F 61 -3.68 -38.33 11.30
C GLY F 61 -2.96 -38.14 9.98
N GLY F 62 -3.70 -37.65 9.00
CA GLY F 62 -3.25 -37.54 7.61
C GLY F 62 -4.25 -38.24 6.69
N HIS F 63 -5.43 -38.52 7.24
CA HIS F 63 -6.53 -39.15 6.50
C HIS F 63 -7.41 -38.06 5.87
N VAL F 64 -6.84 -37.34 4.92
CA VAL F 64 -7.58 -36.35 4.16
C VAL F 64 -8.00 -36.96 2.81
N ASP F 65 -9.29 -37.27 2.70
CA ASP F 65 -9.88 -37.63 1.42
C ASP F 65 -10.36 -36.37 0.68
N PHE F 66 -10.74 -36.52 -0.58
CA PHE F 66 -11.03 -35.34 -1.40
C PHE F 66 -12.09 -34.43 -0.76
N ASP F 67 -13.08 -35.04 -0.13
CA ASP F 67 -14.16 -34.30 0.50
C ASP F 67 -13.66 -33.46 1.65
N ASP F 68 -12.62 -33.95 2.35
CA ASP F 68 -11.98 -33.16 3.43
C ASP F 68 -11.14 -32.04 2.81
N PHE F 69 -10.18 -32.41 1.95
CA PHE F 69 -9.30 -31.40 1.31
C PHE F 69 -10.11 -30.22 0.80
N VAL F 70 -11.21 -30.50 0.11
CA VAL F 70 -12.14 -29.49 -0.38
C VAL F 70 -12.76 -28.64 0.77
N GLU F 71 -13.14 -29.26 1.89
CA GLU F 71 -13.71 -28.49 3.00
C GLU F 71 -12.64 -27.66 3.69
N LEU F 72 -11.38 -28.12 3.61
CA LEU F 72 -10.25 -27.34 4.13
C LEU F 72 -9.77 -26.24 3.16
N MET F 73 -9.76 -26.54 1.86
CA MET F 73 -9.14 -25.62 0.92
C MET F 73 -10.16 -24.77 0.20
N GLY F 74 -11.35 -25.34 -0.02
CA GLY F 74 -12.44 -24.63 -0.66
C GLY F 74 -12.54 -23.17 -0.19
N PRO F 75 -12.66 -22.95 1.14
CA PRO F 75 -12.79 -21.59 1.69
C PRO F 75 -11.60 -20.70 1.41
N LYS F 76 -10.42 -21.33 1.33
CA LYS F 76 -9.21 -20.61 0.96
C LYS F 76 -9.18 -20.23 -0.49
N LEU F 77 -9.62 -21.15 -1.35
CA LEU F 77 -9.69 -20.86 -2.77
C LEU F 77 -10.57 -19.61 -2.95
N LEU F 78 -11.74 -19.62 -2.31
CA LEU F 78 -12.73 -18.58 -2.49
C LEU F 78 -12.33 -17.30 -1.80
N ALA F 79 -11.37 -17.36 -0.89
CA ALA F 79 -10.87 -16.13 -0.32
C ALA F 79 -9.71 -15.53 -1.12
N GLU F 80 -9.53 -15.93 -2.37
CA GLU F 80 -8.45 -15.37 -3.17
C GLU F 80 -8.77 -13.95 -3.62
N THR F 81 -7.83 -13.03 -3.45
CA THR F 81 -8.04 -11.64 -3.85
C THR F 81 -7.37 -11.31 -5.18
N ALA F 82 -7.73 -10.16 -5.76
CA ALA F 82 -7.11 -9.63 -6.98
C ALA F 82 -5.60 -9.72 -7.03
N ASP F 83 -4.96 -9.43 -5.92
CA ASP F 83 -3.51 -9.47 -5.84
C ASP F 83 -2.91 -10.87 -5.86
N MET F 84 -3.69 -11.90 -5.48
CA MET F 84 -3.20 -13.27 -5.60
C MET F 84 -3.33 -13.78 -7.05
N ILE F 85 -4.41 -13.36 -7.69
CA ILE F 85 -4.89 -13.96 -8.93
C ILE F 85 -4.06 -13.57 -10.19
N GLY F 86 -3.21 -12.55 -10.07
CA GLY F 86 -2.40 -12.06 -11.19
C GLY F 86 -3.22 -11.32 -12.25
N VAL F 87 -2.59 -10.37 -12.94
CA VAL F 87 -3.22 -9.58 -14.02
C VAL F 87 -3.72 -10.39 -15.23
N LYS F 88 -2.83 -11.11 -15.91
CA LYS F 88 -3.26 -11.86 -17.10
C LYS F 88 -4.40 -12.85 -16.76
N GLU F 89 -4.32 -13.49 -15.58
CA GLU F 89 -5.42 -14.35 -15.14
C GLU F 89 -6.67 -13.50 -14.74
N LEU F 90 -6.48 -12.36 -14.08
CA LEU F 90 -7.62 -11.47 -13.77
C LEU F 90 -8.46 -11.20 -15.01
N ARG F 91 -7.82 -11.29 -16.18
CA ARG F 91 -8.52 -11.20 -17.46
C ARG F 91 -9.53 -12.31 -17.70
N ASP F 92 -9.22 -13.51 -17.22
CA ASP F 92 -10.04 -14.69 -17.49
C ASP F 92 -11.06 -15.04 -16.37
N ALA F 93 -11.14 -14.21 -15.35
CA ALA F 93 -12.33 -14.26 -14.46
C ALA F 93 -13.30 -13.20 -14.95
N PHE F 94 -12.73 -12.08 -15.39
CA PHE F 94 -13.44 -11.02 -16.08
C PHE F 94 -14.15 -11.61 -17.29
N ARG F 95 -13.39 -12.18 -18.24
CA ARG F 95 -13.93 -12.76 -19.48
C ARG F 95 -15.11 -13.72 -19.28
N GLU F 96 -14.99 -14.67 -18.34
CA GLU F 96 -16.12 -15.53 -17.95
C GLU F 96 -17.38 -14.75 -17.56
N PHE F 97 -17.23 -13.58 -16.93
CA PHE F 97 -18.34 -12.63 -16.74
C PHE F 97 -18.67 -11.95 -18.07
N ASP F 98 -17.61 -11.62 -18.83
CA ASP F 98 -17.68 -10.79 -20.03
C ASP F 98 -18.21 -11.55 -21.24
N THR F 99 -19.53 -11.52 -21.41
CA THR F 99 -20.25 -12.38 -22.36
C THR F 99 -20.10 -12.24 -23.87
N ASN F 100 -20.12 -11.01 -24.39
CA ASN F 100 -19.71 -10.68 -25.76
C ASN F 100 -18.21 -10.40 -25.83
N GLY F 101 -17.64 -10.02 -24.68
CA GLY F 101 -16.20 -9.83 -24.55
C GLY F 101 -15.76 -8.44 -24.93
N ASP F 102 -16.57 -7.43 -24.59
CA ASP F 102 -16.29 -6.04 -24.99
C ASP F 102 -15.68 -5.19 -23.87
N GLY F 103 -14.98 -5.83 -22.94
CA GLY F 103 -14.19 -5.13 -21.91
C GLY F 103 -15.03 -4.41 -20.87
N GLU F 104 -16.29 -4.80 -20.77
CA GLU F 104 -17.31 -4.10 -19.99
C GLU F 104 -18.24 -5.16 -19.40
N ILE F 105 -18.78 -4.93 -18.21
CA ILE F 105 -19.82 -5.85 -17.74
C ILE F 105 -21.12 -5.08 -17.49
N SER F 106 -22.02 -5.17 -18.48
CA SER F 106 -23.39 -4.68 -18.39
C SER F 106 -24.17 -5.44 -17.31
N THR F 107 -25.32 -4.89 -16.90
CA THR F 107 -26.04 -5.46 -15.76
C THR F 107 -26.53 -6.88 -16.06
N SER F 108 -26.85 -7.13 -17.33
CA SER F 108 -27.38 -8.44 -17.76
C SER F 108 -26.38 -9.59 -17.58
N GLU F 109 -25.14 -9.41 -18.06
CA GLU F 109 -24.07 -10.39 -17.83
C GLU F 109 -23.87 -10.56 -16.31
N LEU F 110 -23.87 -9.43 -15.60
CA LEU F 110 -23.68 -9.48 -14.15
C LEU F 110 -24.74 -10.33 -13.52
N ARG F 111 -25.99 -10.07 -13.90
CA ARG F 111 -27.14 -10.85 -13.47
C ARG F 111 -26.88 -12.32 -13.76
N GLU F 112 -26.52 -12.64 -15.01
CA GLU F 112 -26.16 -14.01 -15.38
C GLU F 112 -25.02 -14.51 -14.50
N ALA F 113 -23.92 -13.76 -14.47
CA ALA F 113 -22.79 -14.17 -13.67
C ALA F 113 -23.20 -14.47 -12.22
N MET F 114 -23.95 -13.56 -11.62
CA MET F 114 -24.33 -13.70 -10.21
C MET F 114 -25.23 -14.93 -10.00
N ARG F 115 -26.14 -15.17 -10.93
CA ARG F 115 -26.93 -16.40 -10.95
C ARG F 115 -26.04 -17.63 -11.15
N ALA F 116 -25.10 -17.51 -12.09
CA ALA F 116 -24.10 -18.54 -12.36
C ALA F 116 -23.21 -18.78 -11.15
N LEU F 117 -22.82 -17.70 -10.46
CA LEU F 117 -22.00 -17.85 -9.27
C LEU F 117 -22.79 -18.35 -8.05
N LEU F 118 -23.86 -17.65 -7.71
CA LEU F 118 -24.60 -17.93 -6.48
C LEU F 118 -25.31 -19.26 -6.52
N GLY F 119 -25.81 -19.62 -7.71
CA GLY F 119 -26.52 -20.85 -7.92
C GLY F 119 -28.01 -20.59 -7.96
N HIS F 120 -28.40 -19.32 -8.11
CA HIS F 120 -29.82 -18.94 -8.11
C HIS F 120 -30.04 -17.51 -8.60
N GLN F 121 -31.32 -17.18 -8.83
CA GLN F 121 -31.78 -15.88 -9.32
C GLN F 121 -31.54 -14.75 -8.32
N VAL F 122 -31.03 -13.63 -8.83
CA VAL F 122 -30.79 -12.46 -8.00
C VAL F 122 -31.77 -11.36 -8.38
N GLY F 123 -32.43 -10.79 -7.36
CA GLY F 123 -33.39 -9.71 -7.53
C GLY F 123 -32.90 -8.56 -8.38
N HIS F 124 -33.82 -7.80 -8.95
CA HIS F 124 -33.44 -6.68 -9.80
C HIS F 124 -32.99 -5.50 -8.93
N ARG F 125 -33.62 -5.36 -7.78
CA ARG F 125 -33.19 -4.41 -6.77
C ARG F 125 -31.73 -4.70 -6.39
N ASP F 126 -31.43 -5.96 -6.04
CA ASP F 126 -30.08 -6.41 -5.66
C ASP F 126 -29.01 -6.05 -6.66
N ILE F 127 -29.29 -6.26 -7.95
CA ILE F 127 -28.31 -5.96 -8.98
C ILE F 127 -28.04 -4.46 -9.02
N GLU F 128 -29.08 -3.67 -8.81
CA GLU F 128 -28.92 -2.23 -8.80
C GLU F 128 -28.24 -1.73 -7.51
N GLU F 129 -28.32 -2.50 -6.42
CA GLU F 129 -27.50 -2.22 -5.23
C GLU F 129 -26.02 -2.50 -5.52
N ILE F 130 -25.76 -3.61 -6.18
CA ILE F 130 -24.41 -4.02 -6.55
C ILE F 130 -23.76 -3.01 -7.47
N ILE F 131 -24.44 -2.70 -8.58
CA ILE F 131 -23.99 -1.70 -9.56
C ILE F 131 -23.66 -0.39 -8.86
N ARG F 132 -24.59 0.10 -8.04
CA ARG F 132 -24.36 1.33 -7.30
C ARG F 132 -23.03 1.24 -6.53
N ASP F 133 -22.86 0.15 -5.78
CA ASP F 133 -21.70 -0.02 -4.93
C ASP F 133 -20.40 -0.16 -5.70
N VAL F 134 -20.48 -0.62 -6.93
CA VAL F 134 -19.30 -1.03 -7.67
C VAL F 134 -18.88 -0.07 -8.82
N ASP F 135 -19.84 0.73 -9.31
CA ASP F 135 -19.64 1.65 -10.44
C ASP F 135 -19.10 3.02 -10.03
N LEU F 136 -17.79 3.13 -10.15
CA LEU F 136 -17.02 4.16 -9.50
C LEU F 136 -16.74 5.32 -10.44
N ASN F 137 -17.55 5.43 -11.50
CA ASN F 137 -17.59 6.60 -12.38
C ASN F 137 -19.00 6.95 -12.88
N GLY F 138 -20.01 6.26 -12.34
CA GLY F 138 -21.42 6.61 -12.56
C GLY F 138 -21.98 6.46 -13.97
N ASP F 139 -21.29 5.69 -14.80
CA ASP F 139 -21.75 5.40 -16.16
C ASP F 139 -22.68 4.18 -16.20
N GLY F 140 -23.05 3.67 -15.03
CA GLY F 140 -23.98 2.54 -14.93
C GLY F 140 -23.41 1.22 -15.41
N ARG F 141 -22.11 1.19 -15.67
CA ARG F 141 -21.43 -0.02 -16.14
C ARG F 141 -20.13 -0.30 -15.39
N VAL F 142 -19.65 -1.53 -15.48
CA VAL F 142 -18.48 -1.95 -14.74
C VAL F 142 -17.27 -2.21 -15.63
N ASP F 143 -16.27 -1.34 -15.57
CA ASP F 143 -15.04 -1.56 -16.32
C ASP F 143 -14.06 -2.43 -15.54
N PHE F 144 -13.01 -2.88 -16.23
CA PHE F 144 -12.04 -3.78 -15.61
C PHE F 144 -11.54 -3.33 -14.24
N GLU F 145 -11.26 -2.04 -14.12
CA GLU F 145 -10.75 -1.47 -12.88
C GLU F 145 -11.77 -1.63 -11.73
N GLU F 146 -13.05 -1.39 -12.04
CA GLU F 146 -14.16 -1.57 -11.11
C GLU F 146 -14.40 -3.04 -10.74
N PHE F 147 -14.16 -3.91 -11.71
CA PHE F 147 -14.32 -5.32 -11.50
C PHE F 147 -13.26 -5.86 -10.51
N VAL F 148 -12.03 -5.39 -10.68
CA VAL F 148 -10.91 -5.79 -9.84
C VAL F 148 -11.13 -5.33 -8.38
N ARG F 149 -11.72 -4.15 -8.20
CA ARG F 149 -11.90 -3.58 -6.87
C ARG F 149 -13.02 -4.30 -6.16
N MET F 150 -13.89 -4.91 -6.95
CA MET F 150 -14.92 -5.79 -6.47
C MET F 150 -14.29 -7.01 -5.77
N MET F 151 -13.09 -7.38 -6.19
CA MET F 151 -12.35 -8.50 -5.60
C MET F 151 -11.10 -8.09 -4.78
N SER F 152 -11.10 -6.87 -4.24
CA SER F 152 -10.01 -6.35 -3.42
C SER F 152 -10.57 -5.78 -2.13
N ARG F 153 -9.75 -5.78 -1.10
CA ARG F 153 -10.23 -5.30 0.18
C ARG F 153 -9.90 -3.84 0.36
CA CA G . 10.87 -12.99 25.33
CA CA H . 14.69 -12.87 14.41
O1 HEZ I . -3.40 -12.74 21.30
C1 HEZ I . -3.15 -14.11 20.89
C2 HEZ I . -2.14 -14.75 21.83
C3 HEZ I . -2.77 -15.72 22.83
C4 HEZ I . -1.75 -16.76 23.32
C5 HEZ I . -1.01 -16.33 24.58
C6 HEZ I . -0.27 -17.48 25.26
O6 HEZ I . 1.13 -17.21 25.49
O1 HEZ J . -11.17 -5.39 20.66
C1 HEZ J . -9.92 -5.87 21.13
C2 HEZ J . -9.40 -6.92 20.15
C3 HEZ J . -9.08 -8.24 20.84
C4 HEZ J . -8.83 -9.30 19.77
C5 HEZ J . -7.60 -10.15 20.08
C6 HEZ J . -7.64 -11.41 19.22
O6 HEZ J . -7.33 -12.59 19.98
CA CA K . -26.19 8.78 10.65
CA CA L . -21.07 9.76 0.21
O1 HEZ M . -9.69 12.28 13.99
C1 HEZ M . -10.52 11.18 13.56
C2 HEZ M . -10.82 10.26 14.73
C3 HEZ M . -10.75 8.81 14.28
C4 HEZ M . -9.48 8.16 14.79
C5 HEZ M . -9.65 6.70 15.18
C6 HEZ M . -9.63 6.58 16.69
O6 HEZ M . -8.78 5.49 17.10
O1 HEZ N . -6.64 11.27 13.16
C1 HEZ N . -5.59 10.73 13.98
C2 HEZ N . -6.09 10.51 15.41
C3 HEZ N . -5.87 9.09 15.94
C4 HEZ N . -6.66 8.90 17.22
C5 HEZ N . -5.88 8.07 18.25
C6 HEZ N . -6.41 6.64 18.49
O6 HEZ N . -5.40 5.64 18.26
CA CA O . 30.74 4.26 2.16
CA CA P . 23.89 -4.24 5.12
CA CA Q . -6.65 25.37 -13.35
CA CA R . -11.98 15.65 -10.36
CA CA S . 18.47 -17.64 1.56
CA CA T . -19.34 -7.27 -22.44
CA CA U . -17.92 2.25 -14.85
#